data_1LNZ
#
_entry.id   1LNZ
#
_cell.length_a   59.580
_cell.length_b   105.006
_cell.length_c   124.098
_cell.angle_alpha   90.00
_cell.angle_beta   90.00
_cell.angle_gamma   90.00
#
_symmetry.space_group_name_H-M   'P 21 21 21'
#
loop_
_entity.id
_entity.type
_entity.pdbx_description
1 polymer 'SPO0B-associated GTP-binding protein'
2 non-polymer 'MAGNESIUM ION'
3 non-polymer "GUANOSINE-5',3'-TETRAPHOSPHATE"
4 water water
#
_entity_poly.entity_id   1
_entity_poly.type   'polypeptide(L)'
_entity_poly.pdbx_seq_one_letter_code
;(MSE)FVDQVKVYVKGGDGGNG(MSE)VAFRREKYVPKGGPAGGDGGKGGDVVFEVDEGLRTL(MSE)DFRYKKHFKAIR
GEHG(MSE)SKNQHGRNADD(MSE)VIKVPPGTVVTDDDTKQVIADLTEHGQRAVIARGGRGGRGNSRFATPANPAPQLS
ENGEPGKERYIVLELKVLADVGLVGFPSVGKSTLLSVVSSAKPKIADYHFTTLVPNLG(MSE)VETDDGRSFV(MSE)AD
LPGLIEGAHQGVGLGHQFLRHIERTRVIVHVID(MSE)SGLEGRDPYDDYLTINQELSEYNLRLTERPQIIVANK(MSE)
D(MSE)PEAAENLEAFKEKLTDDYPVFPISAVTREGLRELLFEVANQLENTPEFPLYDEEEL
;
_entity_poly.pdbx_strand_id   A,B
#
# COMPACT_ATOMS: atom_id res chain seq x y z
N PHE A 2 -8.81 2.20 -22.43
CA PHE A 2 -8.80 0.74 -22.41
C PHE A 2 -9.32 0.24 -21.06
N VAL A 3 -10.11 -0.82 -21.09
CA VAL A 3 -10.66 -1.35 -19.85
C VAL A 3 -10.75 -2.87 -19.85
N ASP A 4 -10.49 -3.47 -18.69
CA ASP A 4 -10.57 -4.90 -18.56
C ASP A 4 -11.92 -5.18 -17.90
N GLN A 5 -12.54 -6.30 -18.29
CA GLN A 5 -13.85 -6.72 -17.76
C GLN A 5 -13.92 -8.20 -17.52
N VAL A 6 -14.34 -8.59 -16.33
CA VAL A 6 -14.49 -10.00 -15.96
C VAL A 6 -15.75 -10.24 -15.13
N LYS A 7 -16.45 -11.33 -15.44
CA LYS A 7 -17.68 -11.69 -14.73
C LYS A 7 -17.38 -12.86 -13.81
N VAL A 8 -17.97 -12.83 -12.62
CA VAL A 8 -17.80 -13.91 -11.66
C VAL A 8 -19.02 -14.05 -10.80
N TYR A 9 -19.07 -15.17 -10.12
CA TYR A 9 -20.17 -15.49 -9.22
C TYR A 9 -19.73 -15.44 -7.75
N VAL A 10 -20.47 -14.66 -6.97
CA VAL A 10 -20.20 -14.49 -5.55
C VAL A 10 -21.44 -14.83 -4.71
N LYS A 11 -21.20 -15.53 -3.59
CA LYS A 11 -22.26 -15.89 -2.66
C LYS A 11 -21.85 -15.79 -1.20
N GLY A 12 -22.67 -15.09 -0.42
CA GLY A 12 -22.41 -14.96 1.01
C GLY A 12 -22.74 -16.27 1.69
N GLY A 13 -22.29 -16.41 2.95
CA GLY A 13 -22.54 -17.61 3.71
C GLY A 13 -24.00 -17.69 4.10
N ASP A 14 -24.56 -18.89 4.12
CA ASP A 14 -25.94 -19.10 4.45
C ASP A 14 -26.27 -18.80 5.88
N GLY A 15 -25.34 -18.96 6.80
CA GLY A 15 -25.76 -18.64 8.16
C GLY A 15 -26.42 -19.82 8.89
N GLY A 16 -25.81 -20.16 10.02
CA GLY A 16 -26.26 -21.25 10.84
C GLY A 16 -27.71 -21.31 11.23
N ASN A 17 -28.18 -22.55 11.30
CA ASN A 17 -29.53 -22.92 11.67
C ASN A 17 -29.64 -22.95 13.17
N GLY A 18 -30.74 -22.43 13.69
CA GLY A 18 -30.93 -22.43 15.13
C GLY A 18 -31.15 -23.83 15.63
N VAL A 20 -32.70 -26.80 18.49
CA VAL A 20 -33.89 -27.18 19.25
C VAL A 20 -33.38 -28.10 20.34
N ALA A 21 -33.36 -27.62 21.56
CA ALA A 21 -32.88 -28.45 22.64
C ALA A 21 -33.67 -28.12 23.92
N PHE A 22 -33.35 -28.79 25.01
CA PHE A 22 -34.00 -28.54 26.28
C PHE A 22 -33.01 -28.83 27.40
N ARG A 23 -33.22 -28.18 28.53
CA ARG A 23 -32.35 -28.39 29.66
C ARG A 23 -32.76 -29.72 30.25
N ARG A 24 -31.85 -30.68 30.23
CA ARG A 24 -32.19 -31.98 30.80
C ARG A 24 -31.25 -32.38 31.94
N GLU A 25 -31.45 -31.80 33.12
CA GLU A 25 -30.62 -32.14 34.28
C GLU A 25 -31.21 -33.33 35.06
N LYS A 26 -30.41 -33.92 35.93
CA LYS A 26 -30.86 -35.07 36.72
C LYS A 26 -31.76 -34.65 37.87
N TYR A 27 -32.46 -33.54 37.67
CA TYR A 27 -33.38 -32.98 38.66
C TYR A 27 -34.73 -33.70 38.64
N VAL A 28 -34.71 -34.99 38.30
CA VAL A 28 -35.92 -35.81 38.26
C VAL A 28 -36.97 -35.29 37.28
N PRO A 29 -36.70 -34.11 36.70
CA PRO A 29 -37.63 -33.51 35.75
C PRO A 29 -36.90 -33.15 34.45
N LYS A 30 -37.67 -32.70 33.46
CA LYS A 30 -37.11 -32.32 32.17
C LYS A 30 -37.93 -31.16 31.61
N GLY A 31 -37.28 -30.30 30.83
CA GLY A 31 -37.96 -29.16 30.22
C GLY A 31 -37.28 -27.79 30.29
N GLY A 32 -37.73 -26.89 29.43
CA GLY A 32 -37.17 -25.56 29.39
C GLY A 32 -36.30 -25.46 28.16
N PRO A 33 -36.68 -24.64 27.16
CA PRO A 33 -35.91 -24.46 25.92
C PRO A 33 -34.46 -24.09 26.18
N ALA A 34 -33.59 -24.60 25.32
CA ALA A 34 -32.15 -24.41 25.45
C ALA A 34 -31.45 -24.32 24.13
N GLY A 35 -32.19 -24.28 23.05
CA GLY A 35 -31.58 -24.20 21.73
C GLY A 35 -31.06 -22.79 21.44
N GLY A 36 -29.75 -22.73 21.14
CA GLY A 36 -29.11 -21.48 20.81
C GLY A 36 -29.35 -21.08 19.36
N ASP A 37 -29.13 -19.81 19.09
CA ASP A 37 -29.33 -19.26 17.78
C ASP A 37 -28.17 -19.50 16.87
N GLY A 38 -28.41 -19.28 15.58
CA GLY A 38 -27.35 -19.47 14.58
C GLY A 38 -26.58 -18.17 14.35
N GLY A 39 -25.37 -18.31 13.84
CA GLY A 39 -24.60 -17.13 13.55
C GLY A 39 -24.76 -16.70 12.08
N LYS A 40 -24.60 -15.39 11.81
CA LYS A 40 -24.70 -14.88 10.44
C LYS A 40 -23.67 -15.53 9.52
N GLY A 41 -24.06 -15.78 8.27
CA GLY A 41 -23.12 -16.34 7.33
C GLY A 41 -22.09 -15.25 7.01
N GLY A 42 -21.01 -15.61 6.33
CA GLY A 42 -20.02 -14.59 6.00
C GLY A 42 -20.35 -13.79 4.74
N ASP A 43 -19.72 -12.63 4.59
CA ASP A 43 -19.91 -11.78 3.42
C ASP A 43 -18.77 -11.92 2.40
N VAL A 44 -19.08 -11.75 1.12
CA VAL A 44 -18.03 -11.77 0.11
C VAL A 44 -17.70 -10.28 0.05
N VAL A 45 -16.45 -9.94 0.36
CA VAL A 45 -16.06 -8.54 0.43
C VAL A 45 -14.91 -8.24 -0.49
N PHE A 46 -14.98 -7.12 -1.22
CA PHE A 46 -13.87 -6.79 -2.08
C PHE A 46 -13.07 -5.71 -1.39
N GLU A 47 -11.75 -5.82 -1.48
CA GLU A 47 -10.88 -4.86 -0.85
C GLU A 47 -9.82 -4.44 -1.87
N VAL A 48 -9.55 -3.14 -1.90
CA VAL A 48 -8.56 -2.61 -2.82
C VAL A 48 -7.16 -2.84 -2.32
N ASP A 49 -6.24 -3.17 -3.22
CA ASP A 49 -4.84 -3.37 -2.85
C ASP A 49 -4.01 -2.83 -4.02
N GLU A 50 -3.44 -1.63 -3.85
CA GLU A 50 -2.62 -1.02 -4.94
C GLU A 50 -1.57 -1.98 -5.50
N GLY A 51 -1.14 -2.92 -4.68
CA GLY A 51 -0.15 -3.86 -5.12
C GLY A 51 -0.59 -4.59 -6.36
N LEU A 52 -1.88 -4.52 -6.68
CA LEU A 52 -2.42 -5.21 -7.86
C LEU A 52 -2.55 -4.29 -9.05
N ARG A 53 -2.45 -4.84 -10.26
CA ARG A 53 -2.56 -4.00 -11.44
C ARG A 53 -3.47 -4.56 -12.53
N THR A 54 -3.78 -5.85 -12.46
CA THR A 54 -4.68 -6.45 -13.47
C THR A 54 -5.77 -7.31 -12.82
N LEU A 55 -6.86 -7.57 -13.54
CA LEU A 55 -7.92 -8.42 -13.01
C LEU A 55 -7.66 -9.87 -13.47
N ASP A 57 -6.55 -12.35 -11.85
CA ASP A 57 -6.86 -13.40 -10.86
C ASP A 57 -8.27 -13.92 -11.11
N PHE A 58 -9.22 -13.01 -11.27
CA PHE A 58 -10.58 -13.38 -11.53
C PHE A 58 -10.74 -14.06 -12.85
N ARG A 59 -9.69 -14.65 -13.38
CA ARG A 59 -9.81 -15.31 -14.66
C ARG A 59 -9.55 -16.79 -14.45
N TYR A 60 -8.81 -17.10 -13.41
CA TYR A 60 -8.51 -18.48 -13.11
C TYR A 60 -9.49 -19.05 -12.07
N LYS A 61 -10.34 -18.19 -11.52
CA LYS A 61 -11.33 -18.60 -10.53
C LYS A 61 -12.46 -17.60 -10.51
N LYS A 62 -13.63 -18.00 -11.01
CA LYS A 62 -14.77 -17.08 -11.05
C LYS A 62 -15.93 -17.57 -10.20
N HIS A 63 -15.62 -18.14 -9.04
CA HIS A 63 -16.64 -18.65 -8.12
C HIS A 63 -16.22 -18.39 -6.68
N PHE A 64 -16.74 -17.34 -6.08
CA PHE A 64 -16.36 -17.03 -4.67
C PHE A 64 -17.52 -17.22 -3.68
N LYS A 65 -17.35 -18.21 -2.81
CA LYS A 65 -18.35 -18.57 -1.82
C LYS A 65 -17.85 -18.44 -0.39
N ALA A 66 -18.53 -17.58 0.36
CA ALA A 66 -18.19 -17.37 1.76
C ALA A 66 -18.68 -18.53 2.62
N ILE A 67 -18.07 -18.63 3.78
CA ILE A 67 -18.35 -19.65 4.76
C ILE A 67 -19.73 -19.47 5.40
N ARG A 68 -20.32 -20.56 5.85
CA ARG A 68 -21.61 -20.47 6.49
C ARG A 68 -21.46 -20.14 7.97
N GLY A 69 -22.43 -19.42 8.52
CA GLY A 69 -22.38 -19.10 9.93
C GLY A 69 -22.40 -20.37 10.78
N GLU A 70 -22.24 -20.19 12.08
CA GLU A 70 -22.25 -21.30 12.99
C GLU A 70 -23.65 -21.73 13.41
N HIS A 71 -23.83 -23.05 13.51
CA HIS A 71 -25.13 -23.60 13.90
C HIS A 71 -25.33 -23.42 15.41
N GLY A 72 -26.57 -23.24 15.83
CA GLY A 72 -26.87 -23.07 17.25
C GLY A 72 -26.56 -24.35 18.03
N SER A 74 -26.91 -26.56 22.08
CA SER A 74 -27.68 -26.73 23.30
C SER A 74 -27.07 -25.82 24.36
N LYS A 75 -27.64 -25.82 25.57
CA LYS A 75 -27.16 -24.99 26.66
C LYS A 75 -27.32 -23.52 26.28
N ASN A 76 -28.33 -23.25 25.45
CA ASN A 76 -28.58 -21.91 24.93
C ASN A 76 -27.35 -21.22 24.40
N GLN A 77 -26.34 -21.97 23.98
CA GLN A 77 -25.11 -21.33 23.43
C GLN A 77 -25.26 -21.09 21.92
N HIS A 78 -25.16 -19.82 21.55
CA HIS A 78 -25.31 -19.40 20.15
C HIS A 78 -24.02 -19.49 19.35
N GLY A 79 -24.17 -19.61 18.02
CA GLY A 79 -23.02 -19.69 17.13
C GLY A 79 -22.46 -18.34 16.78
N ARG A 80 -21.16 -18.30 16.54
CA ARG A 80 -20.48 -17.05 16.18
C ARG A 80 -20.66 -16.73 14.70
N ASN A 81 -20.49 -15.45 14.35
CA ASN A 81 -20.58 -15.03 12.98
C ASN A 81 -19.35 -15.44 12.20
N ALA A 82 -19.57 -16.16 11.10
CA ALA A 82 -18.50 -16.61 10.22
C ALA A 82 -17.72 -15.42 9.68
N ASP A 83 -16.42 -15.64 9.47
CA ASP A 83 -15.48 -14.65 8.93
C ASP A 83 -15.83 -14.39 7.46
N ASP A 84 -15.64 -13.14 7.02
CA ASP A 84 -15.92 -12.77 5.63
C ASP A 84 -14.84 -13.25 4.72
N VAL A 86 -12.57 -12.02 2.05
CA VAL A 86 -12.03 -10.78 1.52
C VAL A 86 -11.25 -11.07 0.27
N ILE A 87 -11.63 -10.39 -0.78
CA ILE A 87 -10.96 -10.58 -2.05
C ILE A 87 -10.37 -9.27 -2.49
N LYS A 88 -9.05 -9.30 -2.67
CA LYS A 88 -8.27 -8.13 -3.10
C LYS A 88 -8.44 -7.81 -4.57
N VAL A 89 -8.74 -6.55 -4.86
CA VAL A 89 -8.91 -6.10 -6.24
C VAL A 89 -8.10 -4.83 -6.49
N PRO A 90 -7.73 -4.60 -7.76
CA PRO A 90 -6.96 -3.42 -8.18
C PRO A 90 -7.68 -2.10 -7.93
N PRO A 91 -6.92 -1.02 -7.80
CA PRO A 91 -7.49 0.28 -7.56
C PRO A 91 -8.29 0.72 -8.76
N GLY A 92 -9.36 1.44 -8.51
CA GLY A 92 -10.20 1.92 -9.59
C GLY A 92 -11.14 0.86 -10.15
N THR A 93 -11.40 -0.19 -9.38
CA THR A 93 -12.27 -1.27 -9.83
C THR A 93 -13.76 -0.98 -9.61
N VAL A 94 -14.55 -1.07 -10.67
CA VAL A 94 -16.00 -0.81 -10.55
C VAL A 94 -16.77 -2.11 -10.63
N VAL A 95 -17.54 -2.39 -9.58
CA VAL A 95 -18.32 -3.62 -9.54
C VAL A 95 -19.78 -3.37 -9.82
N THR A 96 -20.33 -4.16 -10.74
CA THR A 96 -21.73 -4.03 -11.10
C THR A 96 -22.42 -5.38 -11.16
N ASP A 97 -23.72 -5.38 -10.85
CA ASP A 97 -24.54 -6.59 -10.86
C ASP A 97 -24.94 -6.88 -12.30
N ASP A 98 -24.56 -8.07 -12.76
CA ASP A 98 -24.82 -8.55 -14.12
C ASP A 98 -26.31 -8.82 -14.37
N ASP A 99 -27.17 -8.21 -13.56
CA ASP A 99 -28.60 -8.38 -13.70
C ASP A 99 -29.29 -7.05 -13.42
N THR A 100 -29.26 -6.59 -12.17
CA THR A 100 -29.90 -5.32 -11.87
C THR A 100 -29.10 -4.19 -12.49
N LYS A 101 -27.99 -4.58 -13.14
CA LYS A 101 -27.06 -3.66 -13.81
C LYS A 101 -26.90 -2.45 -12.93
N GLN A 102 -26.41 -2.66 -11.74
CA GLN A 102 -26.23 -1.56 -10.86
C GLN A 102 -24.83 -1.55 -10.29
N VAL A 103 -24.40 -0.39 -9.79
CA VAL A 103 -23.08 -0.29 -9.21
C VAL A 103 -23.13 -0.68 -7.76
N ILE A 104 -22.49 -1.79 -7.45
CA ILE A 104 -22.41 -2.31 -6.09
C ILE A 104 -21.33 -1.55 -5.33
N ALA A 105 -20.24 -1.22 -6.01
CA ALA A 105 -19.18 -0.49 -5.39
C ALA A 105 -18.24 0.11 -6.43
N ASP A 106 -17.64 1.25 -6.08
CA ASP A 106 -16.69 1.92 -6.98
C ASP A 106 -15.38 2.09 -6.20
N LEU A 107 -14.70 0.97 -5.96
CA LEU A 107 -13.45 0.93 -5.20
C LEU A 107 -12.29 1.67 -5.86
N THR A 108 -11.71 2.62 -5.14
CA THR A 108 -10.62 3.42 -5.68
C THR A 108 -9.45 3.72 -4.73
N GLU A 109 -9.66 3.55 -3.44
CA GLU A 109 -8.60 3.82 -2.48
C GLU A 109 -8.07 2.53 -1.87
N HIS A 110 -6.77 2.53 -1.53
CA HIS A 110 -6.15 1.36 -0.94
C HIS A 110 -6.77 1.13 0.41
N GLY A 111 -7.11 -0.13 0.66
CA GLY A 111 -7.74 -0.47 1.92
C GLY A 111 -9.24 -0.32 1.77
N GLN A 112 -9.70 0.45 0.79
CA GLN A 112 -11.14 0.64 0.61
C GLN A 112 -11.85 -0.68 0.32
N ARG A 113 -12.82 -1.05 1.16
CA ARG A 113 -13.55 -2.30 0.92
C ARG A 113 -15.04 -2.11 0.78
N ALA A 114 -15.72 -3.10 0.23
CA ALA A 114 -17.16 -3.02 0.05
C ALA A 114 -17.80 -4.39 0.08
N VAL A 115 -19.01 -4.43 0.66
CA VAL A 115 -19.76 -5.67 0.76
C VAL A 115 -20.40 -5.93 -0.60
N ILE A 116 -19.98 -7.06 -1.20
CA ILE A 116 -20.42 -7.51 -2.52
C ILE A 116 -21.61 -8.50 -2.47
N ALA A 117 -21.50 -9.49 -1.60
CA ALA A 117 -22.58 -10.47 -1.45
C ALA A 117 -22.69 -10.71 0.04
N ARG A 118 -23.73 -10.17 0.69
CA ARG A 118 -23.83 -10.36 2.13
C ARG A 118 -24.38 -11.71 2.49
N GLY A 119 -23.91 -12.23 3.63
CA GLY A 119 -24.33 -13.52 4.15
C GLY A 119 -25.63 -13.41 4.93
N GLY A 120 -26.38 -14.50 5.01
CA GLY A 120 -27.65 -14.46 5.70
C GLY A 120 -27.52 -14.31 7.21
N ARG A 121 -28.61 -13.90 7.86
CA ARG A 121 -28.66 -13.79 9.31
C ARG A 121 -28.76 -15.19 9.87
N GLY A 122 -28.29 -15.39 11.11
CA GLY A 122 -28.37 -16.70 11.73
C GLY A 122 -29.80 -17.04 12.13
N GLY A 123 -30.13 -18.34 12.10
CA GLY A 123 -31.47 -18.76 12.47
C GLY A 123 -31.68 -18.87 13.98
N ARG A 124 -32.78 -18.30 14.45
CA ARG A 124 -33.10 -18.35 15.87
C ARG A 124 -33.51 -19.75 16.39
N GLY A 125 -33.02 -20.08 17.58
CA GLY A 125 -33.32 -21.34 18.22
C GLY A 125 -34.67 -21.38 18.92
N ASN A 126 -35.05 -22.58 19.39
CA ASN A 126 -36.36 -22.76 20.06
C ASN A 126 -36.55 -21.84 21.24
N SER A 127 -35.49 -21.58 22.00
CA SER A 127 -35.59 -20.69 23.15
C SER A 127 -36.26 -19.36 22.81
N ARG A 128 -36.34 -19.04 21.53
CA ARG A 128 -36.94 -17.78 21.12
C ARG A 128 -38.47 -17.89 20.93
N PHE A 129 -38.96 -19.07 20.56
CA PHE A 129 -40.36 -19.22 20.30
C PHE A 129 -41.22 -19.69 21.44
N ALA A 130 -40.76 -19.49 22.67
CA ALA A 130 -41.53 -19.95 23.83
C ALA A 130 -42.56 -18.95 24.27
N THR A 131 -43.78 -19.44 24.44
CA THR A 131 -44.87 -18.58 24.89
C THR A 131 -45.59 -19.34 26.00
N PRO A 132 -46.53 -18.69 26.68
CA PRO A 132 -47.28 -19.34 27.75
C PRO A 132 -48.06 -20.56 27.24
N ALA A 133 -48.55 -20.51 26.01
CA ALA A 133 -49.27 -21.68 25.52
C ALA A 133 -48.35 -22.64 24.74
N ASN A 134 -47.03 -22.57 25.01
CA ASN A 134 -46.01 -23.40 24.35
C ASN A 134 -44.68 -23.29 25.08
N PRO A 135 -44.64 -23.70 26.36
CA PRO A 135 -43.48 -23.70 27.26
C PRO A 135 -42.25 -24.42 26.73
N ALA A 136 -42.52 -25.49 25.97
CA ALA A 136 -41.51 -26.32 25.35
C ALA A 136 -41.77 -26.36 23.85
N PRO A 137 -41.31 -25.33 23.15
CA PRO A 137 -41.47 -25.20 21.69
C PRO A 137 -40.49 -26.07 20.93
N GLN A 138 -40.93 -26.59 19.79
CA GLN A 138 -40.13 -27.45 18.93
C GLN A 138 -39.84 -26.68 17.65
N LEU A 139 -40.13 -25.38 17.67
CA LEU A 139 -39.91 -24.48 16.55
C LEU A 139 -38.48 -24.01 16.53
N SER A 140 -37.94 -23.91 15.32
CA SER A 140 -36.57 -23.47 15.09
C SER A 140 -36.46 -22.80 13.75
N GLU A 141 -35.52 -21.87 13.60
CA GLU A 141 -35.32 -21.15 12.32
C GLU A 141 -34.08 -21.63 11.58
N ASN A 142 -34.18 -21.86 10.27
CA ASN A 142 -32.99 -22.27 9.54
C ASN A 142 -32.36 -20.96 9.16
N GLY A 143 -31.06 -21.03 8.89
CA GLY A 143 -30.34 -19.82 8.54
C GLY A 143 -30.83 -19.20 7.24
N GLU A 144 -30.79 -17.86 7.19
CA GLU A 144 -31.19 -17.10 6.05
C GLU A 144 -30.12 -17.34 5.00
N PRO A 145 -30.54 -17.69 3.78
CA PRO A 145 -29.56 -17.93 2.71
C PRO A 145 -28.69 -16.70 2.37
N GLY A 146 -27.41 -16.93 2.14
CA GLY A 146 -26.52 -15.86 1.76
C GLY A 146 -26.89 -15.44 0.34
N LYS A 147 -26.87 -14.13 0.05
CA LYS A 147 -27.24 -13.70 -1.28
C LYS A 147 -26.19 -14.09 -2.30
N GLU A 148 -26.68 -14.46 -3.46
CA GLU A 148 -25.80 -14.84 -4.54
C GLU A 148 -26.11 -13.90 -5.67
N ARG A 149 -25.07 -13.52 -6.39
CA ARG A 149 -25.31 -12.64 -7.52
C ARG A 149 -24.19 -12.81 -8.53
N TYR A 150 -24.52 -12.50 -9.78
CA TYR A 150 -23.53 -12.56 -10.85
C TYR A 150 -23.06 -11.11 -11.05
N ILE A 151 -21.75 -10.91 -10.96
CA ILE A 151 -21.19 -9.58 -11.11
C ILE A 151 -20.16 -9.47 -12.20
N VAL A 152 -19.80 -8.23 -12.49
CA VAL A 152 -18.76 -7.96 -13.49
C VAL A 152 -17.88 -6.88 -12.91
N LEU A 153 -16.59 -7.11 -12.99
CA LEU A 153 -15.61 -6.19 -12.50
C LEU A 153 -14.99 -5.46 -13.70
N GLU A 154 -14.97 -4.13 -13.61
CA GLU A 154 -14.40 -3.27 -14.64
C GLU A 154 -13.20 -2.54 -14.08
N LEU A 155 -12.21 -2.37 -14.92
CA LEU A 155 -10.99 -1.68 -14.51
C LEU A 155 -10.40 -0.83 -15.65
N LYS A 156 -9.97 0.39 -15.34
CA LYS A 156 -9.34 1.23 -16.34
C LYS A 156 -7.89 0.75 -16.45
N VAL A 157 -7.50 0.31 -17.65
CA VAL A 157 -6.14 -0.21 -17.89
C VAL A 157 -5.10 0.85 -18.36
N LEU A 158 -3.95 0.85 -17.72
CA LEU A 158 -2.86 1.77 -18.04
C LEU A 158 -1.58 0.97 -18.09
N ALA A 159 -0.85 1.08 -19.18
CA ALA A 159 0.40 0.34 -19.34
C ALA A 159 1.35 0.46 -18.14
N ASP A 160 2.14 -0.57 -17.91
CA ASP A 160 3.10 -0.51 -16.82
C ASP A 160 4.54 -0.57 -17.33
N VAL A 161 4.74 -1.34 -18.38
CA VAL A 161 6.04 -1.53 -18.96
C VAL A 161 5.96 -1.12 -20.41
N GLY A 162 7.04 -0.52 -20.91
CA GLY A 162 7.05 -0.10 -22.30
C GLY A 162 8.10 -0.81 -23.12
N LEU A 163 7.71 -1.25 -24.31
CA LEU A 163 8.60 -1.94 -25.26
C LEU A 163 9.20 -0.98 -26.30
N VAL A 164 10.53 -0.97 -26.35
CA VAL A 164 11.27 -0.14 -27.29
C VAL A 164 12.23 -1.02 -28.10
N GLY A 165 12.74 -0.49 -29.20
CA GLY A 165 13.66 -1.24 -30.03
C GLY A 165 13.31 -1.06 -31.50
N PHE A 166 14.22 -1.46 -32.38
CA PHE A 166 13.98 -1.37 -33.82
C PHE A 166 12.75 -2.17 -34.19
N PRO A 167 12.13 -1.85 -35.33
CA PRO A 167 10.93 -2.58 -35.79
C PRO A 167 11.31 -4.00 -36.22
N SER A 168 10.35 -4.91 -36.13
CA SER A 168 10.56 -6.32 -36.48
C SER A 168 11.53 -7.07 -35.58
N VAL A 169 12.14 -6.36 -34.62
CA VAL A 169 13.07 -6.96 -33.66
C VAL A 169 12.37 -8.04 -32.87
N GLY A 170 11.09 -7.84 -32.66
CA GLY A 170 10.29 -8.80 -31.91
C GLY A 170 9.34 -8.17 -30.94
N LYS A 171 9.47 -6.86 -30.71
CA LYS A 171 8.60 -6.17 -29.77
C LYS A 171 7.15 -6.64 -29.90
N SER A 172 6.69 -6.79 -31.14
CA SER A 172 5.32 -7.22 -31.41
C SER A 172 5.07 -8.70 -31.11
N THR A 173 5.85 -9.58 -31.72
CA THR A 173 5.69 -11.02 -31.49
C THR A 173 5.90 -11.35 -30.00
N LEU A 174 6.79 -10.60 -29.34
CA LEU A 174 7.06 -10.79 -27.92
C LEU A 174 5.82 -10.39 -27.11
N LEU A 175 5.41 -9.12 -27.23
CA LEU A 175 4.25 -8.61 -26.51
C LEU A 175 3.04 -9.48 -26.75
N SER A 176 3.06 -10.23 -27.85
CA SER A 176 1.94 -11.09 -28.21
C SER A 176 2.04 -12.47 -27.51
N VAL A 177 3.25 -12.99 -27.44
CA VAL A 177 3.44 -14.28 -26.82
C VAL A 177 3.08 -14.23 -25.36
N VAL A 178 3.55 -13.21 -24.65
CA VAL A 178 3.26 -13.10 -23.22
C VAL A 178 1.91 -12.44 -22.97
N SER A 179 1.28 -11.93 -24.03
CA SER A 179 -0.01 -11.28 -23.87
C SER A 179 -1.11 -12.29 -23.57
N SER A 180 -1.26 -12.62 -22.30
CA SER A 180 -2.28 -13.56 -21.84
C SER A 180 -3.68 -13.02 -22.17
N ALA A 181 -3.78 -11.72 -22.43
CA ALA A 181 -5.08 -11.09 -22.74
C ALA A 181 -4.97 -9.61 -23.06
N LYS A 182 -5.83 -9.16 -23.96
CA LYS A 182 -5.85 -7.77 -24.38
C LYS A 182 -7.11 -7.02 -23.93
N PRO A 183 -6.96 -5.74 -23.58
CA PRO A 183 -8.07 -4.89 -23.13
C PRO A 183 -9.06 -4.52 -24.24
N LYS A 184 -10.11 -3.81 -23.86
CA LYS A 184 -11.13 -3.44 -24.81
C LYS A 184 -11.11 -1.93 -24.94
N ILE A 185 -11.49 -1.43 -26.11
CA ILE A 185 -11.50 0.00 -26.36
C ILE A 185 -12.86 0.63 -26.22
N ALA A 186 -12.91 1.77 -25.55
CA ALA A 186 -14.14 2.53 -25.34
C ALA A 186 -14.02 3.94 -25.95
N ASP A 187 -13.88 3.97 -27.27
CA ASP A 187 -13.73 5.21 -28.07
C ASP A 187 -13.58 4.60 -29.48
N TYR A 188 -13.80 3.29 -29.55
CA TYR A 188 -13.69 2.47 -30.77
C TYR A 188 -14.39 3.00 -32.03
N HIS A 189 -13.76 2.73 -33.18
CA HIS A 189 -14.26 3.08 -34.53
C HIS A 189 -14.01 4.47 -35.12
N PHE A 190 -13.10 5.26 -34.55
CA PHE A 190 -12.81 6.61 -35.08
C PHE A 190 -11.31 6.82 -35.33
N THR A 191 -10.62 7.42 -34.35
CA THR A 191 -9.17 7.67 -34.44
C THR A 191 -8.47 6.33 -34.67
N THR A 192 -9.14 5.25 -34.28
CA THR A 192 -8.63 3.88 -34.41
C THR A 192 -7.13 3.76 -34.12
N LEU A 193 -6.59 4.69 -33.33
CA LEU A 193 -5.18 4.68 -32.96
C LEU A 193 -4.87 3.30 -32.33
N VAL A 194 -5.44 3.06 -31.16
CA VAL A 194 -5.26 1.77 -30.49
C VAL A 194 -3.81 1.31 -30.32
N PRO A 195 -3.09 1.90 -29.35
CA PRO A 195 -1.71 1.47 -29.16
C PRO A 195 -1.72 -0.03 -28.86
N ASN A 196 -0.58 -0.67 -29.04
CA ASN A 196 -0.52 -2.10 -28.80
C ASN A 196 -0.11 -2.42 -27.37
N LEU A 197 -1.08 -2.73 -26.52
CA LEU A 197 -0.79 -3.09 -25.13
C LEU A 197 -1.49 -4.39 -24.73
N GLY A 198 -0.97 -5.02 -23.69
CA GLY A 198 -1.58 -6.25 -23.26
C GLY A 198 -1.20 -6.60 -21.83
N VAL A 200 0.21 -9.17 -19.31
CA VAL A 200 1.03 -10.38 -19.26
C VAL A 200 0.94 -10.92 -17.85
N GLU A 201 1.27 -12.19 -17.66
CA GLU A 201 1.22 -12.81 -16.34
C GLU A 201 2.46 -13.63 -16.07
N THR A 202 3.13 -13.36 -14.97
CA THR A 202 4.33 -14.10 -14.63
C THR A 202 3.98 -15.52 -14.29
N ASP A 203 4.91 -16.23 -13.66
CA ASP A 203 4.64 -17.61 -13.28
C ASP A 203 4.41 -17.76 -11.80
N ASP A 204 4.56 -16.64 -11.08
CA ASP A 204 4.36 -16.63 -9.63
C ASP A 204 3.13 -15.79 -9.22
N GLY A 205 2.13 -15.75 -10.09
CA GLY A 205 0.92 -15.01 -9.77
C GLY A 205 0.91 -13.54 -10.10
N ARG A 206 2.05 -12.87 -10.02
CA ARG A 206 2.15 -11.43 -10.33
C ARG A 206 1.70 -11.11 -11.77
N SER A 207 1.27 -9.89 -12.02
CA SER A 207 0.82 -9.57 -13.37
C SER A 207 0.95 -8.06 -13.65
N PHE A 208 0.98 -7.69 -14.93
CA PHE A 208 1.07 -6.30 -15.28
C PHE A 208 0.65 -6.02 -16.70
N VAL A 209 0.61 -4.75 -17.06
CA VAL A 209 0.22 -4.32 -18.38
C VAL A 209 1.41 -3.86 -19.21
N ALA A 211 3.05 -2.62 -23.02
CA ALA A 211 2.71 -1.97 -24.28
C ALA A 211 3.95 -1.60 -25.11
N ASP A 212 3.70 -1.25 -26.37
CA ASP A 212 4.77 -0.84 -27.26
C ASP A 212 4.85 0.68 -27.09
N LEU A 213 5.91 1.15 -26.44
CA LEU A 213 6.09 2.58 -26.19
C LEU A 213 5.84 3.51 -27.37
N PRO A 214 6.44 3.22 -28.52
CA PRO A 214 6.24 4.08 -29.69
C PRO A 214 4.78 4.47 -29.92
N GLY A 215 3.88 3.49 -29.87
CA GLY A 215 2.48 3.80 -30.05
C GLY A 215 1.98 4.80 -29.03
N LEU A 216 2.36 4.64 -27.76
CA LEU A 216 1.90 5.58 -26.74
C LEU A 216 2.48 6.95 -26.96
N ILE A 217 3.77 6.99 -27.19
CA ILE A 217 4.45 8.24 -27.47
C ILE A 217 3.81 9.02 -28.65
N GLU A 218 3.52 8.34 -29.76
CA GLU A 218 2.94 9.00 -30.92
C GLU A 218 1.56 9.54 -30.68
N GLY A 219 0.88 9.02 -29.66
CA GLY A 219 -0.45 9.49 -29.34
C GLY A 219 -0.37 10.72 -28.46
N ALA A 220 0.73 10.84 -27.73
CA ALA A 220 0.99 11.97 -26.84
C ALA A 220 1.38 13.22 -27.66
N HIS A 221 1.46 13.06 -28.98
CA HIS A 221 1.82 14.13 -29.90
C HIS A 221 0.69 14.53 -30.83
N GLN A 222 -0.54 14.18 -30.47
CA GLN A 222 -1.67 14.52 -31.30
C GLN A 222 -2.16 15.86 -30.84
N GLY A 223 -2.84 16.55 -31.73
CA GLY A 223 -3.36 17.85 -31.40
C GLY A 223 -4.74 17.86 -30.76
N VAL A 224 -5.40 19.00 -30.89
CA VAL A 224 -6.73 19.17 -30.33
C VAL A 224 -6.92 18.53 -28.96
N GLY A 225 -5.92 18.76 -28.11
CA GLY A 225 -5.92 18.26 -26.75
C GLY A 225 -5.92 16.77 -26.57
N LEU A 226 -5.70 16.01 -27.62
CA LEU A 226 -5.72 14.56 -27.44
C LEU A 226 -4.41 13.94 -26.94
N GLY A 227 -3.39 14.75 -26.72
CA GLY A 227 -2.12 14.21 -26.25
C GLY A 227 -2.03 14.01 -24.76
N HIS A 228 -2.59 14.96 -24.03
CA HIS A 228 -2.57 14.89 -22.59
C HIS A 228 -2.86 13.46 -22.13
N GLN A 229 -3.99 12.91 -22.57
CA GLN A 229 -4.38 11.55 -22.19
C GLN A 229 -3.16 10.61 -22.17
N PHE A 230 -2.51 10.50 -23.33
CA PHE A 230 -1.33 9.65 -23.47
C PHE A 230 -0.16 10.10 -22.62
N LEU A 231 -0.13 11.38 -22.27
CA LEU A 231 0.97 11.85 -21.44
C LEU A 231 0.86 11.15 -20.09
N ARG A 232 -0.31 11.23 -19.49
CA ARG A 232 -0.57 10.62 -18.17
C ARG A 232 -0.21 9.14 -18.23
N HIS A 233 -0.75 8.49 -19.25
CA HIS A 233 -0.54 7.08 -19.52
C HIS A 233 0.94 6.69 -19.54
N ILE A 234 1.80 7.60 -20.01
CA ILE A 234 3.23 7.37 -20.08
C ILE A 234 3.82 7.52 -18.70
N GLU A 235 3.27 8.40 -17.89
CA GLU A 235 3.82 8.57 -16.57
C GLU A 235 3.60 7.27 -15.78
N ARG A 236 2.58 6.52 -16.18
CA ARG A 236 2.21 5.24 -15.57
C ARG A 236 3.22 4.13 -15.90
N THR A 237 3.60 4.02 -17.18
CA THR A 237 4.56 3.01 -17.59
C THR A 237 5.88 3.33 -16.93
N ARG A 238 6.26 2.50 -15.96
CA ARG A 238 7.47 2.65 -15.18
C ARG A 238 8.71 1.88 -15.60
N VAL A 239 8.54 0.76 -16.32
CA VAL A 239 9.73 -0.01 -16.72
C VAL A 239 9.84 -0.14 -18.23
N ILE A 240 11.07 -0.19 -18.73
CA ILE A 240 11.30 -0.31 -20.16
C ILE A 240 12.07 -1.59 -20.48
N VAL A 241 11.49 -2.40 -21.35
CA VAL A 241 12.14 -3.65 -21.76
C VAL A 241 12.70 -3.48 -23.17
N HIS A 242 14.00 -3.19 -23.25
CA HIS A 242 14.67 -2.99 -24.52
C HIS A 242 15.00 -4.28 -25.25
N VAL A 243 14.56 -4.39 -26.50
CA VAL A 243 14.78 -5.59 -27.31
C VAL A 243 15.73 -5.32 -28.49
N ILE A 244 16.95 -5.85 -28.38
CA ILE A 244 17.94 -5.68 -29.44
C ILE A 244 18.09 -7.00 -30.17
N ASP A 245 18.68 -6.94 -31.36
CA ASP A 245 18.90 -8.14 -32.17
C ASP A 245 20.38 -8.53 -32.06
N SER A 247 21.64 -10.99 -34.15
CA SER A 247 21.98 -11.57 -35.43
C SER A 247 22.03 -10.48 -36.50
N GLY A 248 20.89 -10.20 -37.12
CA GLY A 248 20.82 -9.16 -38.14
C GLY A 248 20.66 -9.66 -39.58
N LEU A 249 19.44 -10.09 -39.94
CA LEU A 249 19.15 -10.57 -41.29
C LEU A 249 19.60 -9.51 -42.30
N GLU A 250 19.60 -8.26 -41.85
CA GLU A 250 20.00 -7.12 -42.68
C GLU A 250 20.52 -6.01 -41.79
N GLY A 251 20.61 -6.29 -40.49
CA GLY A 251 21.09 -5.32 -39.53
C GLY A 251 22.46 -5.69 -39.01
N ARG A 252 23.18 -4.72 -38.45
CA ARG A 252 24.50 -4.98 -37.93
C ARG A 252 24.79 -4.17 -36.67
N ASP A 253 25.79 -4.61 -35.93
CA ASP A 253 26.21 -3.97 -34.68
C ASP A 253 25.07 -3.92 -33.66
N PRO A 254 25.17 -4.77 -32.63
CA PRO A 254 24.14 -4.81 -31.59
C PRO A 254 24.19 -3.54 -30.73
N TYR A 255 25.28 -3.33 -29.99
CA TYR A 255 25.39 -2.15 -29.16
C TYR A 255 25.04 -0.88 -29.91
N ASP A 256 25.08 -0.94 -31.24
CA ASP A 256 24.74 0.22 -32.03
C ASP A 256 23.26 0.49 -31.89
N ASP A 257 22.46 -0.50 -32.24
CA ASP A 257 21.01 -0.36 -32.16
C ASP A 257 20.57 0.04 -30.75
N TYR A 258 21.35 -0.36 -29.77
CA TYR A 258 21.05 -0.03 -28.39
C TYR A 258 21.20 1.49 -28.22
N LEU A 259 22.26 2.04 -28.80
CA LEU A 259 22.53 3.48 -28.72
C LEU A 259 21.52 4.31 -29.50
N THR A 260 21.18 3.82 -30.68
CA THR A 260 20.24 4.51 -31.55
C THR A 260 18.91 4.71 -30.88
N ILE A 261 18.38 3.63 -30.31
CA ILE A 261 17.09 3.66 -29.63
C ILE A 261 17.11 4.49 -28.36
N ASN A 262 18.11 4.26 -27.51
CA ASN A 262 18.18 4.98 -26.28
C ASN A 262 18.35 6.46 -26.47
N GLN A 263 18.79 6.87 -27.65
CA GLN A 263 18.98 8.29 -27.90
C GLN A 263 17.64 8.95 -28.19
N GLU A 264 16.89 8.35 -29.11
CA GLU A 264 15.58 8.85 -29.47
C GLU A 264 14.80 9.09 -28.20
N LEU A 265 14.75 8.08 -27.35
CA LEU A 265 14.01 8.17 -26.11
C LEU A 265 14.24 9.45 -25.37
N SER A 266 15.49 9.79 -25.13
CA SER A 266 15.89 11.01 -24.42
C SER A 266 15.56 12.26 -25.18
N GLU A 267 15.36 12.12 -26.49
CA GLU A 267 15.03 13.29 -27.30
C GLU A 267 13.57 13.71 -27.13
N TYR A 268 12.68 12.75 -26.83
CA TYR A 268 11.27 13.07 -26.65
C TYR A 268 11.06 13.90 -25.39
N ASN A 269 12.11 14.01 -24.58
CA ASN A 269 12.05 14.78 -23.35
C ASN A 269 10.81 14.40 -22.58
N LEU A 270 10.82 13.17 -22.10
CA LEU A 270 9.71 12.61 -21.36
C LEU A 270 10.26 11.76 -20.23
N ARG A 271 11.56 11.85 -19.99
CA ARG A 271 12.11 11.07 -18.88
C ARG A 271 12.21 9.58 -19.15
N LEU A 272 12.09 9.19 -20.41
CA LEU A 272 12.17 7.79 -20.74
C LEU A 272 13.56 7.22 -20.56
N THR A 273 14.48 8.09 -20.17
CA THR A 273 15.88 7.70 -19.97
C THR A 273 16.20 7.51 -18.51
N GLU A 274 15.20 7.76 -17.68
CA GLU A 274 15.34 7.60 -16.26
C GLU A 274 14.70 6.29 -15.86
N ARG A 275 13.75 5.87 -16.67
CA ARG A 275 13.04 4.64 -16.40
C ARG A 275 13.93 3.41 -16.49
N PRO A 276 13.87 2.53 -15.47
CA PRO A 276 14.68 1.31 -15.44
C PRO A 276 14.58 0.56 -16.76
N GLN A 277 15.62 -0.14 -17.15
CA GLN A 277 15.54 -0.85 -18.42
C GLN A 277 16.02 -2.31 -18.32
N ILE A 278 15.47 -3.16 -19.18
CA ILE A 278 15.79 -4.59 -19.20
C ILE A 278 16.05 -5.01 -20.64
N ILE A 279 17.32 -5.13 -21.03
CA ILE A 279 17.67 -5.51 -22.42
C ILE A 279 17.33 -6.95 -22.71
N VAL A 280 16.76 -7.19 -23.89
CA VAL A 280 16.40 -8.53 -24.29
C VAL A 280 17.08 -8.93 -25.59
N ALA A 281 18.19 -9.65 -25.48
CA ALA A 281 18.92 -10.10 -26.65
C ALA A 281 18.14 -11.26 -27.25
N ASN A 282 17.45 -10.98 -28.36
CA ASN A 282 16.65 -12.00 -28.99
C ASN A 282 17.40 -12.63 -30.18
N LYS A 283 16.69 -13.46 -30.95
CA LYS A 283 17.31 -14.12 -32.11
C LYS A 283 18.63 -14.76 -31.73
N ASP A 285 19.18 -17.78 -31.32
CA ASP A 285 19.26 -19.09 -31.95
C ASP A 285 20.10 -19.07 -33.23
N PRO A 287 23.72 -18.32 -35.46
CA PRO A 287 25.16 -18.54 -35.29
C PRO A 287 25.90 -17.34 -34.71
N GLU A 288 26.07 -16.30 -35.53
CA GLU A 288 26.77 -15.10 -35.13
C GLU A 288 26.27 -14.53 -33.81
N ALA A 289 24.98 -14.76 -33.52
CA ALA A 289 24.36 -14.27 -32.29
C ALA A 289 25.11 -14.69 -31.04
N ALA A 290 25.77 -15.84 -31.09
CA ALA A 290 26.52 -16.34 -29.96
C ALA A 290 27.63 -15.40 -29.49
N GLU A 291 28.46 -14.95 -30.41
CA GLU A 291 29.57 -14.07 -30.06
C GLU A 291 29.17 -12.60 -29.99
N ASN A 292 28.13 -12.24 -30.74
CA ASN A 292 27.66 -10.86 -30.74
C ASN A 292 27.32 -10.38 -29.33
N LEU A 293 26.68 -11.24 -28.56
CA LEU A 293 26.30 -10.90 -27.20
C LEU A 293 27.54 -10.76 -26.34
N GLU A 294 28.57 -11.52 -26.70
CA GLU A 294 29.83 -11.47 -25.98
C GLU A 294 30.36 -10.04 -26.00
N ALA A 295 30.48 -9.48 -27.20
CA ALA A 295 30.97 -8.12 -27.39
C ALA A 295 29.98 -7.11 -26.82
N PHE A 296 28.69 -7.35 -27.10
CA PHE A 296 27.64 -6.45 -26.63
C PHE A 296 27.70 -6.27 -25.13
N LYS A 297 27.77 -7.38 -24.40
CA LYS A 297 27.83 -7.36 -22.94
C LYS A 297 28.95 -6.47 -22.43
N GLU A 298 30.05 -6.43 -23.18
CA GLU A 298 31.20 -5.62 -22.81
C GLU A 298 30.85 -4.15 -22.95
N LYS A 299 30.74 -3.71 -24.20
CA LYS A 299 30.42 -2.33 -24.56
C LYS A 299 29.37 -1.72 -23.61
N LEU A 300 28.44 -2.56 -23.16
CA LEU A 300 27.39 -2.10 -22.26
C LEU A 300 28.00 -1.61 -20.94
N THR A 301 27.71 -0.36 -20.59
CA THR A 301 28.24 0.28 -19.39
C THR A 301 27.18 0.56 -18.32
N ASP A 302 25.91 0.53 -18.73
CA ASP A 302 24.79 0.77 -17.83
C ASP A 302 24.63 -0.40 -16.88
N ASP A 303 23.73 -0.26 -15.91
CA ASP A 303 23.50 -1.33 -14.93
C ASP A 303 22.38 -2.27 -15.38
N TYR A 304 21.67 -1.86 -16.42
CA TYR A 304 20.56 -2.62 -16.98
C TYR A 304 20.86 -4.10 -17.19
N PRO A 305 20.01 -4.97 -16.63
CA PRO A 305 20.21 -6.41 -16.76
C PRO A 305 19.84 -6.92 -18.15
N VAL A 306 20.72 -7.74 -18.71
CA VAL A 306 20.51 -8.32 -20.04
C VAL A 306 19.95 -9.73 -19.96
N PHE A 307 18.81 -9.94 -20.62
CA PHE A 307 18.16 -11.24 -20.62
C PHE A 307 18.12 -11.80 -22.05
N PRO A 308 19.06 -12.68 -22.37
CA PRO A 308 19.13 -13.30 -23.70
C PRO A 308 18.26 -14.53 -23.79
N ILE A 309 17.42 -14.60 -24.81
CA ILE A 309 16.57 -15.77 -24.95
C ILE A 309 16.48 -16.19 -26.40
N SER A 310 16.25 -17.48 -26.60
CA SER A 310 16.12 -18.04 -27.93
C SER A 310 14.67 -18.43 -28.15
N ALA A 311 14.20 -18.33 -29.40
CA ALA A 311 12.84 -18.66 -29.76
C ALA A 311 11.87 -18.08 -28.73
N VAL A 312 11.24 -16.97 -29.10
CA VAL A 312 10.29 -16.30 -28.24
C VAL A 312 9.17 -17.29 -27.85
N THR A 313 9.30 -17.91 -26.68
CA THR A 313 8.29 -18.86 -26.19
C THR A 313 7.66 -18.30 -24.92
N ARG A 314 6.52 -18.89 -24.55
CA ARG A 314 5.78 -18.49 -23.33
C ARG A 314 6.50 -19.00 -22.07
N GLU A 315 7.36 -20.02 -22.24
CA GLU A 315 8.14 -20.63 -21.14
C GLU A 315 9.57 -20.10 -21.14
N GLY A 316 10.19 -19.99 -22.30
CA GLY A 316 11.55 -19.50 -22.36
C GLY A 316 11.72 -18.05 -21.91
N LEU A 317 10.60 -17.41 -21.60
CA LEU A 317 10.58 -16.01 -21.15
C LEU A 317 10.31 -15.90 -19.65
N ARG A 318 10.24 -17.04 -18.98
CA ARG A 318 9.96 -17.16 -17.54
C ARG A 318 10.81 -16.25 -16.70
N GLU A 319 12.12 -16.39 -16.84
CA GLU A 319 13.02 -15.57 -16.04
C GLU A 319 12.96 -14.08 -16.43
N LEU A 320 12.53 -13.77 -17.65
CA LEU A 320 12.40 -12.37 -18.07
C LEU A 320 11.27 -11.67 -17.31
N LEU A 321 10.04 -12.10 -17.56
CA LEU A 321 8.89 -11.53 -16.92
C LEU A 321 9.13 -11.32 -15.42
N PHE A 322 9.74 -12.31 -14.79
CA PHE A 322 10.03 -12.24 -13.36
C PHE A 322 10.76 -10.94 -13.04
N GLU A 323 11.84 -10.67 -13.75
CA GLU A 323 12.60 -9.46 -13.49
C GLU A 323 11.71 -8.25 -13.73
N VAL A 324 10.96 -8.25 -14.83
CA VAL A 324 10.09 -7.13 -15.13
C VAL A 324 9.22 -6.84 -13.93
N ALA A 325 8.68 -7.92 -13.35
CA ALA A 325 7.82 -7.84 -12.17
C ALA A 325 8.56 -7.26 -10.96
N ASN A 326 9.71 -7.81 -10.63
CA ASN A 326 10.47 -7.33 -9.49
C ASN A 326 10.83 -5.86 -9.64
N GLN A 327 11.38 -5.52 -10.80
CA GLN A 327 11.79 -4.15 -11.08
C GLN A 327 10.58 -3.23 -10.95
N LEU A 328 9.46 -3.71 -11.45
CA LEU A 328 8.21 -2.97 -11.42
C LEU A 328 7.74 -2.61 -10.00
N GLU A 329 8.15 -3.41 -9.01
CA GLU A 329 7.76 -3.17 -7.64
C GLU A 329 8.75 -2.25 -6.89
N ASN A 330 9.84 -1.89 -7.55
CA ASN A 330 10.88 -1.04 -6.96
C ASN A 330 11.11 0.26 -7.74
N THR A 331 10.23 0.51 -8.69
CA THR A 331 10.34 1.70 -9.50
C THR A 331 9.12 2.55 -9.32
N PRO A 332 9.32 3.86 -9.14
CA PRO A 332 8.27 4.87 -8.94
C PRO A 332 7.76 5.39 -10.28
N GLU A 333 6.57 5.97 -10.28
CA GLU A 333 5.99 6.51 -11.50
C GLU A 333 6.85 7.68 -12.01
N PHE A 334 6.61 8.14 -13.24
CA PHE A 334 7.41 9.22 -13.76
C PHE A 334 6.63 10.45 -14.19
N PRO A 335 5.97 11.12 -13.23
CA PRO A 335 5.21 12.32 -13.58
C PRO A 335 6.09 13.42 -14.15
N LEU A 336 5.56 14.20 -15.08
CA LEU A 336 6.35 15.29 -15.64
C LEU A 336 6.58 16.37 -14.59
N TYR A 337 5.54 16.69 -13.80
CA TYR A 337 5.63 17.69 -12.73
C TYR A 337 5.27 17.06 -11.40
N ASP A 338 5.94 17.47 -10.33
CA ASP A 338 5.64 16.93 -9.00
C ASP A 338 4.48 17.69 -8.32
N GLU A 339 4.49 17.69 -7.00
CA GLU A 339 3.44 18.37 -6.23
C GLU A 339 3.99 19.68 -5.67
N GLU A 340 4.66 20.43 -6.54
CA GLU A 340 5.27 21.71 -6.18
C GLU A 340 4.43 22.87 -6.71
N GLU A 341 3.16 22.93 -6.29
CA GLU A 341 2.25 23.99 -6.71
C GLU A 341 1.67 24.73 -5.50
N LEU A 342 2.48 25.61 -4.91
CA LEU A 342 2.06 26.40 -3.76
C LEU A 342 3.24 27.21 -3.21
N PHE B 2 -10.05 6.54 19.29
CA PHE B 2 -9.37 6.97 18.06
C PHE B 2 -8.14 6.09 17.81
N VAL B 3 -8.15 5.38 16.70
CA VAL B 3 -7.03 4.53 16.34
C VAL B 3 -6.79 4.59 14.85
N ASP B 4 -5.54 4.83 14.49
CA ASP B 4 -5.19 4.90 13.09
C ASP B 4 -4.79 3.51 12.67
N GLN B 5 -5.31 3.06 11.53
CA GLN B 5 -5.05 1.73 11.03
C GLN B 5 -4.59 1.77 9.60
N VAL B 6 -3.59 0.96 9.26
CA VAL B 6 -3.11 0.90 7.88
C VAL B 6 -2.72 -0.54 7.50
N LYS B 7 -2.93 -0.92 6.25
CA LYS B 7 -2.60 -2.28 5.84
C LYS B 7 -1.42 -2.25 4.92
N VAL B 8 -0.46 -3.12 5.14
CA VAL B 8 0.67 -3.09 4.24
C VAL B 8 1.17 -4.52 4.01
N TYR B 9 1.95 -4.67 2.97
CA TYR B 9 2.52 -5.94 2.62
C TYR B 9 4.03 -5.86 2.86
N VAL B 10 4.63 -6.93 3.35
CA VAL B 10 6.08 -6.94 3.57
C VAL B 10 6.67 -8.28 3.13
N LYS B 11 7.92 -8.27 2.71
CA LYS B 11 8.54 -9.49 2.23
C LYS B 11 10.05 -9.38 2.39
N GLY B 12 10.66 -10.43 2.95
CA GLY B 12 12.10 -10.46 3.15
C GLY B 12 12.85 -10.74 1.87
N GLY B 13 14.16 -10.58 1.92
CA GLY B 13 14.95 -10.84 0.74
C GLY B 13 14.83 -12.30 0.37
N ASP B 14 15.15 -12.63 -0.88
CA ASP B 14 15.02 -13.99 -1.30
C ASP B 14 16.14 -14.98 -1.13
N GLY B 15 17.33 -14.57 -0.70
CA GLY B 15 18.36 -15.58 -0.57
C GLY B 15 19.09 -15.72 -1.89
N GLY B 16 20.41 -15.62 -1.85
CA GLY B 16 21.20 -15.73 -3.06
C GLY B 16 21.35 -17.16 -3.45
N ASN B 17 21.42 -17.40 -4.75
CA ASN B 17 21.56 -18.77 -5.27
C ASN B 17 23.01 -19.20 -5.23
N GLY B 18 23.26 -20.45 -4.81
CA GLY B 18 24.61 -20.99 -4.78
C GLY B 18 25.15 -21.18 -6.21
N VAL B 20 27.66 -22.78 -9.34
CA VAL B 20 28.21 -24.03 -9.84
C VAL B 20 29.44 -23.60 -10.69
N ALA B 21 30.63 -23.91 -10.17
CA ALA B 21 31.86 -23.54 -10.84
C ALA B 21 33.01 -24.45 -10.45
N PHE B 22 34.09 -24.35 -11.24
CA PHE B 22 35.30 -25.12 -11.07
C PHE B 22 36.53 -24.25 -11.35
N ARG B 23 37.69 -24.77 -11.02
CA ARG B 23 38.95 -24.08 -11.29
C ARG B 23 40.05 -25.08 -11.13
N ARG B 24 41.18 -24.88 -11.79
CA ARG B 24 42.29 -25.81 -11.67
C ARG B 24 42.79 -25.71 -10.25
N GLU B 25 42.86 -26.84 -9.57
CA GLU B 25 43.34 -26.90 -8.19
C GLU B 25 44.78 -27.45 -8.17
N LYS B 26 45.40 -27.44 -6.99
CA LYS B 26 46.77 -27.93 -6.84
C LYS B 26 46.97 -29.32 -7.39
N TYR B 27 46.26 -30.30 -6.87
CA TYR B 27 46.46 -31.63 -7.38
C TYR B 27 45.34 -32.17 -8.25
N VAL B 28 44.65 -31.26 -8.92
CA VAL B 28 43.56 -31.64 -9.82
C VAL B 28 43.32 -30.55 -10.87
N PRO B 29 44.19 -30.48 -11.90
CA PRO B 29 44.08 -29.48 -12.98
C PRO B 29 42.87 -29.70 -13.88
N LYS B 30 42.27 -30.88 -13.75
CA LYS B 30 41.09 -31.24 -14.54
C LYS B 30 39.86 -30.45 -14.05
N GLY B 31 40.00 -29.80 -12.89
CA GLY B 31 38.93 -29.00 -12.33
C GLY B 31 38.53 -29.38 -10.92
N GLY B 32 38.30 -28.37 -10.08
CA GLY B 32 37.87 -28.59 -8.71
C GLY B 32 36.66 -27.71 -8.46
N PRO B 33 35.70 -28.16 -7.64
CA PRO B 33 34.47 -27.42 -7.32
C PRO B 33 34.78 -26.09 -6.65
N ALA B 34 34.38 -25.01 -7.30
CA ALA B 34 34.65 -23.68 -6.84
C ALA B 34 33.43 -22.78 -6.79
N GLY B 35 32.28 -23.36 -6.52
CA GLY B 35 31.07 -22.54 -6.47
C GLY B 35 30.76 -21.96 -5.10
N GLY B 36 30.67 -20.64 -5.06
CA GLY B 36 30.34 -19.97 -3.84
C GLY B 36 28.88 -20.14 -3.46
N ASP B 37 28.60 -19.84 -2.19
CA ASP B 37 27.27 -19.92 -1.58
C ASP B 37 26.52 -18.65 -1.89
N GLY B 38 25.21 -18.65 -1.67
CA GLY B 38 24.43 -17.44 -1.89
C GLY B 38 24.39 -16.70 -0.57
N GLY B 39 24.12 -15.40 -0.58
CA GLY B 39 24.06 -14.67 0.67
C GLY B 39 22.62 -14.54 1.15
N LYS B 40 22.43 -14.28 2.45
CA LYS B 40 21.09 -14.14 3.04
C LYS B 40 20.28 -12.92 2.56
N GLY B 41 19.01 -13.13 2.26
CA GLY B 41 18.19 -12.03 1.83
C GLY B 41 18.03 -11.07 3.01
N GLY B 42 17.67 -9.83 2.74
CA GLY B 42 17.47 -8.84 3.82
C GLY B 42 16.17 -9.06 4.59
N ASP B 43 16.13 -8.64 5.85
CA ASP B 43 14.94 -8.78 6.67
C ASP B 43 14.19 -7.47 6.57
N VAL B 44 12.90 -7.49 6.88
CA VAL B 44 12.14 -6.25 6.92
C VAL B 44 11.96 -6.07 8.44
N VAL B 45 12.48 -4.95 8.94
CA VAL B 45 12.44 -4.66 10.36
C VAL B 45 11.73 -3.36 10.66
N PHE B 46 10.96 -3.36 11.74
CA PHE B 46 10.24 -2.18 12.20
C PHE B 46 10.97 -1.74 13.44
N GLU B 47 11.41 -0.49 13.45
CA GLU B 47 12.11 0.01 14.64
C GLU B 47 11.30 1.16 15.24
N VAL B 48 11.24 1.19 16.57
CA VAL B 48 10.51 2.23 17.23
C VAL B 48 11.29 3.53 17.32
N ASP B 49 10.64 4.65 17.02
CA ASP B 49 11.32 5.94 17.12
C ASP B 49 10.35 6.91 17.78
N GLU B 50 10.72 7.41 18.96
CA GLU B 50 9.86 8.34 19.69
C GLU B 50 9.63 9.65 18.95
N GLY B 51 10.49 9.95 17.97
CA GLY B 51 10.36 11.16 17.20
C GLY B 51 9.22 11.12 16.23
N LEU B 52 8.67 9.94 16.04
CA LEU B 52 7.54 9.78 15.15
C LEU B 52 6.35 9.72 16.05
N ARG B 53 5.22 10.20 15.54
CA ARG B 53 4.01 10.21 16.31
C ARG B 53 2.80 9.72 15.52
N THR B 54 2.93 9.55 14.19
CA THR B 54 1.81 8.99 13.41
C THR B 54 2.23 7.90 12.46
N LEU B 55 1.32 7.51 11.58
CA LEU B 55 1.59 6.47 10.60
C LEU B 55 1.44 7.08 9.20
N ASP B 57 3.74 8.13 7.11
CA ASP B 57 4.68 7.60 6.14
C ASP B 57 4.12 6.39 5.44
N PHE B 58 3.22 5.69 6.10
CA PHE B 58 2.63 4.52 5.51
C PHE B 58 1.51 4.80 4.55
N ARG B 59 1.29 6.07 4.26
CA ARG B 59 0.23 6.42 3.33
C ARG B 59 0.84 6.62 1.94
N TYR B 60 2.15 6.43 1.86
CA TYR B 60 2.88 6.59 0.62
C TYR B 60 3.46 5.26 0.18
N LYS B 61 4.07 4.54 1.10
CA LYS B 61 4.66 3.27 0.76
C LYS B 61 3.89 2.16 1.43
N LYS B 62 3.28 1.28 0.64
CA LYS B 62 2.50 0.19 1.20
C LYS B 62 3.16 -1.18 1.06
N HIS B 63 4.10 -1.29 0.13
CA HIS B 63 4.80 -2.53 -0.15
C HIS B 63 6.27 -2.38 0.22
N PHE B 64 6.76 -3.29 1.05
CA PHE B 64 8.15 -3.26 1.47
C PHE B 64 8.71 -4.60 1.15
N LYS B 65 9.75 -4.55 0.31
CA LYS B 65 10.43 -5.74 -0.16
C LYS B 65 11.91 -5.56 0.00
N ALA B 66 12.47 -6.23 1.00
CA ALA B 66 13.90 -6.20 1.30
C ALA B 66 14.71 -6.74 0.12
N ILE B 67 16.00 -6.39 0.08
CA ILE B 67 16.90 -6.83 -1.01
C ILE B 67 17.27 -8.31 -0.88
N ARG B 68 17.61 -8.95 -1.99
CA ARG B 68 17.97 -10.38 -1.91
C ARG B 68 19.48 -10.57 -1.69
N GLY B 69 19.88 -11.59 -0.92
CA GLY B 69 21.33 -11.78 -0.70
C GLY B 69 22.02 -11.97 -2.05
N GLU B 70 23.27 -11.57 -2.26
CA GLU B 70 23.78 -11.79 -3.60
C GLU B 70 24.11 -13.25 -3.88
N HIS B 71 24.12 -13.61 -5.15
CA HIS B 71 24.39 -14.96 -5.54
C HIS B 71 25.86 -15.33 -5.33
N GLY B 72 26.13 -16.63 -5.36
CA GLY B 72 27.49 -17.10 -5.16
C GLY B 72 28.29 -17.03 -6.44
N SER B 74 32.41 -17.71 -8.53
CA SER B 74 33.47 -18.69 -8.66
C SER B 74 34.53 -18.37 -7.66
N LYS B 75 35.54 -19.23 -7.62
CA LYS B 75 36.65 -19.08 -6.69
C LYS B 75 36.10 -19.13 -5.28
N ASN B 76 35.08 -19.96 -5.08
CA ASN B 76 34.43 -20.11 -3.79
C ASN B 76 34.03 -18.82 -3.10
N GLN B 77 33.59 -17.83 -3.90
CA GLN B 77 33.18 -16.52 -3.40
C GLN B 77 31.70 -16.54 -3.00
N HIS B 78 31.46 -16.67 -1.70
CA HIS B 78 30.12 -16.71 -1.19
C HIS B 78 29.46 -15.36 -1.29
N GLY B 79 28.25 -15.33 -1.82
CA GLY B 79 27.56 -14.07 -1.94
C GLY B 79 27.47 -13.41 -0.58
N ARG B 80 27.25 -12.10 -0.60
CA ARG B 80 27.11 -11.34 0.63
C ARG B 80 25.65 -11.24 1.09
N ASN B 81 25.46 -11.00 2.38
CA ASN B 81 24.12 -10.88 2.92
C ASN B 81 23.52 -9.54 2.52
N ALA B 82 22.22 -9.50 2.20
CA ALA B 82 21.61 -8.23 1.82
C ALA B 82 21.47 -7.36 3.04
N ASP B 83 21.34 -6.07 2.81
CA ASP B 83 21.18 -5.16 3.91
C ASP B 83 19.72 -5.15 4.36
N ASP B 84 19.53 -5.29 5.66
CA ASP B 84 18.19 -5.28 6.23
C ASP B 84 17.46 -3.97 5.93
N VAL B 86 15.22 -1.41 7.41
CA VAL B 86 14.62 -0.94 8.67
C VAL B 86 13.65 0.20 8.44
N ILE B 87 12.41 0.05 8.90
CA ILE B 87 11.39 1.06 8.74
C ILE B 87 10.97 1.55 10.13
N LYS B 88 11.02 2.87 10.33
CA LYS B 88 10.71 3.46 11.62
C LYS B 88 9.23 3.63 11.87
N VAL B 89 8.80 3.34 13.09
CA VAL B 89 7.40 3.55 13.41
C VAL B 89 7.24 4.25 14.75
N PRO B 90 6.11 4.91 14.94
CA PRO B 90 5.90 5.60 16.21
C PRO B 90 5.75 4.61 17.41
N PRO B 91 5.96 5.09 18.66
CA PRO B 91 5.84 4.19 19.82
C PRO B 91 4.40 3.75 19.92
N GLY B 92 4.19 2.50 20.30
CA GLY B 92 2.83 2.00 20.42
C GLY B 92 2.22 1.44 19.14
N THR B 93 3.04 1.09 18.15
CA THR B 93 2.52 0.53 16.91
C THR B 93 2.22 -0.98 17.08
N VAL B 94 0.95 -1.38 16.97
CA VAL B 94 0.57 -2.81 17.06
C VAL B 94 0.57 -3.40 15.66
N VAL B 95 1.24 -4.53 15.50
CA VAL B 95 1.34 -5.20 14.20
C VAL B 95 0.61 -6.55 14.24
N THR B 96 -0.32 -6.81 13.32
CA THR B 96 -0.95 -8.13 13.37
C THR B 96 -0.99 -8.70 11.98
N ASP B 97 -0.80 -10.02 11.88
CA ASP B 97 -0.81 -10.71 10.61
C ASP B 97 -2.27 -10.62 10.10
N ASP B 98 -2.45 -10.23 8.84
CA ASP B 98 -3.81 -10.08 8.30
C ASP B 98 -4.41 -11.43 7.92
N ASP B 99 -3.64 -12.50 8.13
CA ASP B 99 -4.12 -13.86 7.81
C ASP B 99 -4.35 -14.71 9.04
N THR B 100 -3.36 -14.74 9.93
CA THR B 100 -3.49 -15.51 11.18
C THR B 100 -4.23 -14.69 12.26
N LYS B 101 -4.51 -13.43 11.92
CA LYS B 101 -5.20 -12.51 12.79
C LYS B 101 -4.59 -12.51 14.18
N GLN B 102 -3.29 -12.74 14.22
CA GLN B 102 -2.57 -12.76 15.47
C GLN B 102 -1.65 -11.54 15.56
N VAL B 103 -1.49 -11.00 16.77
CA VAL B 103 -0.66 -9.84 17.00
C VAL B 103 0.80 -10.21 16.88
N ILE B 104 1.38 -9.83 15.75
CA ILE B 104 2.78 -10.08 15.41
C ILE B 104 3.72 -9.39 16.44
N ALA B 105 3.63 -8.06 16.59
CA ALA B 105 4.49 -7.36 17.51
C ALA B 105 3.77 -6.21 18.20
N ASP B 106 4.31 -5.79 19.33
CA ASP B 106 3.76 -4.67 20.13
C ASP B 106 5.00 -3.75 20.30
N LEU B 107 5.26 -2.90 19.31
CA LEU B 107 6.43 -2.03 19.35
C LEU B 107 6.20 -0.79 20.21
N THR B 108 6.86 -0.71 21.37
CA THR B 108 6.63 0.42 22.26
C THR B 108 7.80 1.14 22.86
N GLU B 109 8.93 0.49 22.99
CA GLU B 109 10.09 1.12 23.57
C GLU B 109 10.99 1.70 22.50
N HIS B 110 11.55 2.87 22.75
CA HIS B 110 12.45 3.48 21.78
C HIS B 110 13.61 2.54 21.42
N GLY B 111 13.94 2.46 20.13
CA GLY B 111 15.02 1.59 19.66
C GLY B 111 14.56 0.15 19.40
N GLN B 112 13.45 -0.24 20.00
CA GLN B 112 12.94 -1.58 19.87
C GLN B 112 12.72 -1.99 18.42
N ARG B 113 13.38 -3.08 18.02
CA ARG B 113 13.28 -3.59 16.65
C ARG B 113 12.51 -4.91 16.64
N ALA B 114 11.83 -5.17 15.52
CA ALA B 114 11.08 -6.41 15.34
C ALA B 114 11.25 -6.87 13.88
N VAL B 115 11.57 -8.15 13.69
CA VAL B 115 11.75 -8.71 12.35
C VAL B 115 10.40 -9.16 11.85
N ILE B 116 9.72 -8.31 11.09
CA ILE B 116 8.39 -8.62 10.61
C ILE B 116 8.42 -9.62 9.47
N ALA B 117 9.54 -9.66 8.75
CA ALA B 117 9.70 -10.55 7.62
C ALA B 117 11.10 -11.02 7.58
N ARG B 118 11.27 -12.34 7.67
CA ARG B 118 12.59 -12.97 7.69
C ARG B 118 13.16 -13.22 6.31
N GLY B 119 14.39 -12.73 6.11
CA GLY B 119 15.10 -12.92 4.86
C GLY B 119 15.51 -14.38 4.67
N GLY B 120 15.57 -14.80 3.40
CA GLY B 120 15.92 -16.18 3.07
C GLY B 120 17.39 -16.54 3.18
N ARG B 121 17.66 -17.82 3.46
CA ARG B 121 19.03 -18.25 3.55
C ARG B 121 19.51 -18.46 2.14
N GLY B 122 20.77 -18.09 1.92
CA GLY B 122 21.37 -18.25 0.61
C GLY B 122 21.55 -19.74 0.37
N GLY B 123 21.53 -20.15 -0.90
CA GLY B 123 21.67 -21.55 -1.17
C GLY B 123 23.12 -22.02 -1.24
N ARG B 124 23.33 -23.33 -1.10
CA ARG B 124 24.66 -23.88 -1.16
C ARG B 124 25.24 -24.04 -2.61
N GLY B 125 26.55 -23.77 -2.73
CA GLY B 125 27.26 -23.86 -3.99
C GLY B 125 27.75 -25.27 -4.16
N ASN B 126 27.98 -25.71 -5.40
CA ASN B 126 28.44 -27.07 -5.66
C ASN B 126 29.55 -27.55 -4.74
N SER B 127 30.46 -26.67 -4.38
CA SER B 127 31.55 -27.02 -3.50
C SER B 127 30.99 -27.61 -2.23
N ARG B 128 29.81 -27.18 -1.80
CA ARG B 128 29.26 -27.70 -0.57
C ARG B 128 28.82 -29.14 -0.61
N PHE B 129 28.81 -29.72 -1.80
CA PHE B 129 28.38 -31.11 -1.97
C PHE B 129 29.51 -32.04 -2.41
N ALA B 130 30.67 -31.49 -2.72
CA ALA B 130 31.75 -32.33 -3.12
C ALA B 130 32.14 -33.28 -2.00
N THR B 131 32.53 -34.48 -2.41
CA THR B 131 32.99 -35.56 -1.51
C THR B 131 33.87 -36.52 -2.32
N PRO B 132 34.58 -37.43 -1.64
CA PRO B 132 35.42 -38.35 -2.41
C PRO B 132 34.56 -39.08 -3.47
N ALA B 133 33.31 -39.33 -3.11
CA ALA B 133 32.32 -39.97 -3.97
C ALA B 133 31.98 -39.14 -5.20
N ASN B 134 31.78 -37.83 -4.96
CA ASN B 134 31.41 -36.83 -5.99
C ASN B 134 32.34 -35.65 -5.96
N PRO B 135 33.58 -35.82 -6.38
CA PRO B 135 34.62 -34.79 -6.42
C PRO B 135 34.26 -33.45 -7.06
N ALA B 136 33.56 -33.50 -8.20
CA ALA B 136 33.13 -32.30 -8.94
C ALA B 136 31.61 -32.29 -9.10
N PRO B 137 30.88 -31.99 -8.01
CA PRO B 137 29.41 -31.97 -8.06
C PRO B 137 28.87 -31.00 -9.07
N GLN B 138 27.70 -31.34 -9.60
CA GLN B 138 27.00 -30.50 -10.56
C GLN B 138 25.72 -30.03 -9.89
N LEU B 139 25.58 -30.42 -8.63
CA LEU B 139 24.45 -30.09 -7.79
C LEU B 139 24.70 -28.73 -7.19
N SER B 140 23.63 -27.95 -7.10
CA SER B 140 23.68 -26.60 -6.57
C SER B 140 22.28 -26.28 -6.00
N GLU B 141 22.24 -25.46 -4.94
CA GLU B 141 20.98 -25.08 -4.26
C GLU B 141 20.65 -23.60 -4.43
N ASN B 142 19.40 -23.28 -4.82
CA ASN B 142 19.00 -21.87 -4.97
C ASN B 142 18.67 -21.29 -3.61
N GLY B 143 18.74 -19.97 -3.50
CA GLY B 143 18.44 -19.35 -2.23
C GLY B 143 17.01 -19.62 -1.79
N GLU B 144 16.86 -19.73 -0.46
CA GLU B 144 15.57 -19.97 0.21
C GLU B 144 14.65 -18.76 0.03
N PRO B 145 13.36 -18.99 -0.11
CA PRO B 145 12.40 -17.90 -0.30
C PRO B 145 12.30 -16.95 0.90
N GLY B 146 12.07 -15.67 0.61
CA GLY B 146 11.93 -14.70 1.66
C GLY B 146 10.57 -14.80 2.32
N LYS B 147 10.51 -14.68 3.65
CA LYS B 147 9.21 -14.75 4.32
C LYS B 147 8.35 -13.53 3.96
N GLU B 148 7.08 -13.74 3.69
CA GLU B 148 6.21 -12.63 3.36
C GLU B 148 4.95 -12.71 4.20
N ARG B 149 4.19 -11.62 4.20
CA ARG B 149 2.91 -11.58 4.90
C ARG B 149 2.21 -10.27 4.69
N TYR B 150 0.93 -10.27 5.03
CA TYR B 150 0.07 -9.10 4.93
C TYR B 150 -0.17 -8.72 6.38
N ILE B 151 0.11 -7.46 6.68
CA ILE B 151 -0.03 -7.01 8.04
C ILE B 151 -0.84 -5.72 8.14
N VAL B 152 -1.34 -5.47 9.33
CA VAL B 152 -2.09 -4.30 9.58
C VAL B 152 -1.33 -3.58 10.70
N LEU B 153 -1.11 -2.28 10.55
CA LEU B 153 -0.44 -1.50 11.58
C LEU B 153 -1.51 -0.73 12.29
N GLU B 154 -1.38 -0.60 13.61
CA GLU B 154 -2.36 0.14 14.38
C GLU B 154 -1.66 0.97 15.42
N LEU B 155 -2.20 2.16 15.64
CA LEU B 155 -1.62 3.07 16.61
C LEU B 155 -2.70 3.86 17.28
N LYS B 156 -2.65 3.94 18.60
CA LYS B 156 -3.67 4.70 19.30
C LYS B 156 -3.45 6.19 19.00
N VAL B 157 -4.53 6.86 18.60
CA VAL B 157 -4.46 8.29 18.26
C VAL B 157 -4.74 9.18 19.47
N LEU B 158 -3.79 10.07 19.73
CA LEU B 158 -3.87 11.01 20.84
C LEU B 158 -3.34 12.35 20.40
N ALA B 159 -4.12 13.43 20.62
CA ALA B 159 -3.70 14.77 20.22
C ALA B 159 -2.34 15.25 20.75
N ASP B 160 -1.52 15.85 19.87
CA ASP B 160 -0.22 16.38 20.29
C ASP B 160 -0.26 17.92 20.28
N VAL B 161 -1.24 18.46 19.57
CA VAL B 161 -1.37 19.90 19.45
C VAL B 161 -2.85 20.22 19.69
N GLY B 162 -3.11 21.24 20.50
CA GLY B 162 -4.47 21.62 20.81
C GLY B 162 -4.85 23.00 20.31
N LEU B 163 -5.98 23.08 19.61
CA LEU B 163 -6.48 24.35 19.10
C LEU B 163 -7.33 25.00 20.17
N VAL B 164 -7.05 26.26 20.47
CA VAL B 164 -7.82 26.95 21.48
C VAL B 164 -8.21 28.37 21.04
N GLY B 165 -9.32 28.86 21.56
CA GLY B 165 -9.76 30.18 21.21
C GLY B 165 -11.27 30.34 21.23
N PHE B 166 -11.73 31.58 21.02
CA PHE B 166 -13.16 31.90 21.02
C PHE B 166 -13.83 31.18 19.89
N PRO B 167 -15.17 31.17 19.90
CA PRO B 167 -16.00 30.53 18.90
C PRO B 167 -16.06 31.37 17.65
N SER B 168 -16.10 30.67 16.52
CA SER B 168 -16.18 31.25 15.20
C SER B 168 -14.93 32.04 14.79
N VAL B 169 -13.81 31.70 15.41
CA VAL B 169 -12.54 32.33 15.13
C VAL B 169 -11.88 31.64 13.92
N GLY B 170 -12.30 30.41 13.65
CA GLY B 170 -11.79 29.67 12.52
C GLY B 170 -11.13 28.37 12.93
N LYS B 171 -11.23 28.02 14.20
CA LYS B 171 -10.63 26.80 14.70
C LYS B 171 -10.91 25.63 13.79
N SER B 172 -12.19 25.29 13.62
CA SER B 172 -12.60 24.18 12.76
C SER B 172 -12.14 24.31 11.29
N THR B 173 -12.16 25.52 10.76
CA THR B 173 -11.75 25.72 9.39
C THR B 173 -10.31 25.37 9.20
N LEU B 174 -9.51 25.81 10.15
CA LEU B 174 -8.07 25.58 10.13
C LEU B 174 -7.76 24.06 10.28
N LEU B 175 -8.28 23.41 11.32
CA LEU B 175 -7.99 21.99 11.45
C LEU B 175 -8.53 21.15 10.27
N SER B 176 -9.41 21.71 9.46
CA SER B 176 -9.94 20.95 8.35
C SER B 176 -9.11 21.17 7.08
N VAL B 177 -8.65 22.39 6.88
CA VAL B 177 -7.86 22.75 5.72
C VAL B 177 -6.45 22.23 5.81
N VAL B 178 -6.04 21.89 7.01
CA VAL B 178 -4.68 21.42 7.17
C VAL B 178 -4.55 19.93 7.51
N SER B 179 -5.69 19.25 7.58
CA SER B 179 -5.72 17.84 7.91
C SER B 179 -5.46 16.97 6.71
N SER B 180 -4.27 16.36 6.72
CA SER B 180 -3.83 15.45 5.66
C SER B 180 -4.55 14.11 5.80
N ALA B 181 -5.44 14.01 6.79
CA ALA B 181 -6.22 12.80 7.05
C ALA B 181 -7.03 12.91 8.35
N LYS B 182 -7.72 11.82 8.69
CA LYS B 182 -8.52 11.77 9.89
C LYS B 182 -8.51 10.35 10.42
N PRO B 183 -8.54 10.19 11.75
CA PRO B 183 -8.52 8.88 12.42
C PRO B 183 -9.90 8.20 12.47
N LYS B 184 -9.92 6.88 12.66
CA LYS B 184 -11.19 6.15 12.75
C LYS B 184 -11.63 5.99 14.21
N ILE B 185 -12.93 5.80 14.42
CA ILE B 185 -13.48 5.63 15.75
C ILE B 185 -13.53 4.15 16.10
N PRO B 195 -15.17 16.05 19.68
CA PRO B 195 -14.18 15.03 19.35
C PRO B 195 -13.49 15.34 18.04
N ASN B 196 -13.56 16.60 17.62
CA ASN B 196 -12.94 16.99 16.37
C ASN B 196 -11.43 17.04 16.47
N LEU B 197 -10.76 16.39 15.52
CA LEU B 197 -9.30 16.34 15.47
C LEU B 197 -8.81 15.86 14.09
N GLY B 198 -7.52 16.02 13.81
CA GLY B 198 -6.98 15.61 12.52
C GLY B 198 -5.53 15.15 12.47
N VAL B 200 -2.36 15.95 10.78
CA VAL B 200 -1.70 16.98 10.00
C VAL B 200 -0.20 16.75 9.78
N GLU B 201 0.22 16.79 8.52
CA GLU B 201 1.64 16.61 8.21
C GLU B 201 2.17 17.86 7.52
N THR B 202 3.39 18.23 7.86
CA THR B 202 4.01 19.41 7.29
C THR B 202 4.45 19.11 5.87
N ASP B 203 5.41 19.89 5.39
CA ASP B 203 5.92 19.71 4.05
C ASP B 203 7.29 19.04 4.05
N ASP B 204 8.05 19.22 5.12
CA ASP B 204 9.36 18.61 5.22
C ASP B 204 9.30 17.16 5.72
N GLY B 205 8.15 16.51 5.57
CA GLY B 205 8.02 15.11 5.97
C GLY B 205 7.48 14.73 7.32
N ARG B 206 7.44 15.70 8.23
CA ARG B 206 6.96 15.50 9.59
C ARG B 206 5.45 15.45 9.72
N SER B 207 4.97 14.96 10.86
CA SER B 207 3.54 14.86 11.07
C SER B 207 3.17 14.86 12.55
N PHE B 208 1.89 15.04 12.83
CA PHE B 208 1.41 15.11 14.21
C PHE B 208 -0.10 15.21 14.28
N VAL B 209 -0.65 14.96 15.46
CA VAL B 209 -2.12 15.01 15.62
C VAL B 209 -2.60 16.29 16.28
N ALA B 211 -5.98 18.72 17.60
CA ALA B 211 -7.32 18.58 18.14
C ALA B 211 -7.89 19.89 18.68
N ASP B 212 -9.18 20.13 18.41
CA ASP B 212 -9.88 21.32 18.87
C ASP B 212 -10.12 21.10 20.37
N LEU B 213 -9.16 21.57 21.20
CA LEU B 213 -9.21 21.42 22.66
C LEU B 213 -10.59 21.68 23.26
N PRO B 214 -11.20 22.85 22.94
CA PRO B 214 -12.54 23.10 23.49
C PRO B 214 -13.48 21.93 23.17
N GLY B 215 -13.43 21.45 21.92
CA GLY B 215 -14.27 20.34 21.53
C GLY B 215 -14.07 19.08 22.36
N LEU B 216 -12.91 18.97 23.01
CA LEU B 216 -12.59 17.83 23.85
C LEU B 216 -13.02 18.06 25.32
N ILE B 217 -12.82 19.29 25.79
CA ILE B 217 -13.18 19.65 27.16
C ILE B 217 -14.65 19.38 27.45
N GLU B 218 -15.49 19.47 26.41
CA GLU B 218 -16.90 19.23 26.60
C GLU B 218 -17.18 17.73 26.63
N GLY B 227 -15.44 9.14 28.36
CA GLY B 227 -15.38 10.31 29.21
C GLY B 227 -13.98 10.69 29.65
N HIS B 228 -13.13 9.68 29.90
CA HIS B 228 -11.76 9.92 30.32
C HIS B 228 -10.81 10.00 29.14
N GLN B 229 -11.24 9.44 28.01
CA GLN B 229 -10.46 9.45 26.79
C GLN B 229 -10.17 10.89 26.39
N PHE B 230 -11.09 11.79 26.69
CA PHE B 230 -10.93 13.20 26.37
C PHE B 230 -9.78 13.82 27.15
N LEU B 231 -9.60 13.38 28.39
CA LEU B 231 -8.54 13.90 29.23
C LEU B 231 -7.21 13.35 28.76
N ARG B 232 -7.24 12.12 28.24
CA ARG B 232 -6.04 11.45 27.73
C ARG B 232 -5.33 12.29 26.67
N HIS B 233 -6.11 12.92 25.78
CA HIS B 233 -5.56 13.76 24.73
C HIS B 233 -4.86 14.96 25.36
N ILE B 234 -5.49 15.56 26.36
CA ILE B 234 -4.92 16.72 27.02
C ILE B 234 -3.53 16.45 27.58
N GLU B 235 -3.39 15.37 28.35
CA GLU B 235 -2.12 15.00 28.93
C GLU B 235 -1.07 14.71 27.86
N ARG B 236 -1.53 14.46 26.64
CA ARG B 236 -0.64 14.18 25.51
C ARG B 236 -0.30 15.47 24.77
N THR B 237 -1.24 16.41 24.82
CA THR B 237 -1.06 17.70 24.17
C THR B 237 0.21 18.39 24.70
N ARG B 238 1.17 18.65 23.81
CA ARG B 238 2.41 19.29 24.16
C ARG B 238 2.44 20.77 23.72
N VAL B 239 1.81 21.10 22.60
CA VAL B 239 1.80 22.47 22.12
C VAL B 239 0.37 22.98 22.01
N ILE B 240 0.18 24.27 22.30
CA ILE B 240 -1.16 24.88 22.22
C ILE B 240 -1.17 25.88 21.08
N VAL B 241 -2.12 25.75 20.17
CA VAL B 241 -2.20 26.69 19.07
C VAL B 241 -3.36 27.62 19.40
N HIS B 242 -3.05 28.89 19.68
CA HIS B 242 -4.05 29.85 20.09
C HIS B 242 -4.57 30.65 18.91
N VAL B 243 -5.78 30.33 18.52
CA VAL B 243 -6.37 30.97 17.37
C VAL B 243 -7.13 32.22 17.74
N ILE B 244 -6.90 33.27 16.98
CA ILE B 244 -7.54 34.53 17.23
C ILE B 244 -8.10 35.11 15.95
N ASP B 245 -9.22 35.82 16.06
CA ASP B 245 -9.84 36.49 14.94
C ASP B 245 -9.28 37.89 14.94
N SER B 247 -9.43 39.96 12.50
CA SER B 247 -10.28 40.88 11.74
C SER B 247 -11.21 41.71 12.64
N GLY B 248 -11.44 41.22 13.86
CA GLY B 248 -12.30 41.91 14.79
C GLY B 248 -13.66 42.24 14.21
N LEU B 249 -14.26 41.27 13.52
CA LEU B 249 -15.57 41.46 12.91
C LEU B 249 -16.66 41.35 13.97
N GLU B 250 -16.35 40.75 15.11
CA GLU B 250 -17.32 40.58 16.16
C GLU B 250 -17.27 41.78 17.15
N GLY B 251 -16.54 42.82 16.75
CA GLY B 251 -16.43 44.02 17.54
C GLY B 251 -15.43 44.04 18.69
N ARG B 252 -15.20 42.90 19.32
CA ARG B 252 -14.28 42.85 20.45
C ARG B 252 -12.81 43.01 20.02
N ASP B 253 -11.98 43.37 21.00
CA ASP B 253 -10.55 43.59 20.79
C ASP B 253 -9.82 42.28 20.79
N PRO B 254 -9.02 42.02 19.75
CA PRO B 254 -8.27 40.77 19.68
C PRO B 254 -7.34 40.47 20.87
N TYR B 255 -6.73 41.50 21.45
CA TYR B 255 -5.83 41.28 22.56
C TYR B 255 -6.59 40.84 23.82
N ASP B 256 -7.81 41.34 23.97
CA ASP B 256 -8.66 40.97 25.11
C ASP B 256 -9.03 39.50 25.04
N ASP B 257 -9.42 39.03 23.86
CA ASP B 257 -9.77 37.63 23.67
C ASP B 257 -8.58 36.76 24.04
N TYR B 258 -7.38 37.25 23.72
CA TYR B 258 -6.16 36.51 24.01
C TYR B 258 -6.05 36.34 25.51
N LEU B 259 -6.06 37.46 26.23
CA LEU B 259 -5.94 37.41 27.68
C LEU B 259 -7.00 36.53 28.34
N THR B 260 -8.25 36.61 27.86
CA THR B 260 -9.37 35.83 28.42
C THR B 260 -9.19 34.32 28.23
N ILE B 261 -8.72 33.90 27.06
CA ILE B 261 -8.50 32.48 26.80
C ILE B 261 -7.42 31.94 27.72
N ASN B 262 -6.27 32.63 27.76
CA ASN B 262 -5.16 32.24 28.61
C ASN B 262 -5.61 32.03 30.04
N GLN B 263 -6.59 32.81 30.48
CA GLN B 263 -7.14 32.68 31.81
C GLN B 263 -8.06 31.45 31.88
N GLU B 264 -9.06 31.39 30.99
CA GLU B 264 -9.98 30.27 30.95
C GLU B 264 -9.20 28.97 30.85
N LEU B 265 -7.91 29.07 30.52
CA LEU B 265 -7.10 27.88 30.41
C LEU B 265 -6.72 27.44 31.80
N SER B 266 -6.15 28.36 32.57
CA SER B 266 -5.73 28.08 33.94
C SER B 266 -6.90 27.70 34.85
N GLU B 267 -8.09 28.19 34.54
CA GLU B 267 -9.28 27.90 35.34
C GLU B 267 -9.76 26.45 35.26
N TYR B 268 -9.07 25.63 34.48
CA TYR B 268 -9.41 24.21 34.35
C TYR B 268 -8.39 23.36 35.08
N ASN B 269 -7.25 23.96 35.41
CA ASN B 269 -6.20 23.25 36.13
C ASN B 269 -5.84 21.95 35.44
N LEU B 270 -4.84 22.02 34.55
CA LEU B 270 -4.35 20.87 33.81
C LEU B 270 -2.98 21.20 33.29
N ARG B 271 -2.40 22.24 33.86
CA ARG B 271 -1.07 22.69 33.45
C ARG B 271 -1.12 23.31 32.05
N LEU B 272 -2.34 23.54 31.56
CA LEU B 272 -2.55 24.13 30.25
C LEU B 272 -2.08 25.58 30.19
N THR B 273 -0.90 25.85 30.74
CA THR B 273 -0.36 27.20 30.74
C THR B 273 1.13 27.08 30.69
N GLU B 274 1.63 25.95 31.16
CA GLU B 274 3.07 25.73 31.15
C GLU B 274 3.48 25.31 29.75
N ARG B 275 2.51 24.80 28.99
CA ARG B 275 2.73 24.34 27.63
C ARG B 275 3.05 25.51 26.70
N PRO B 276 4.00 25.32 25.75
CA PRO B 276 4.40 26.36 24.80
C PRO B 276 3.16 26.79 24.04
N GLN B 277 3.20 27.95 23.41
CA GLN B 277 2.02 28.40 22.69
C GLN B 277 2.39 29.09 21.39
N ILE B 278 1.54 28.89 20.40
CA ILE B 278 1.71 29.47 19.06
C ILE B 278 0.45 30.27 18.74
N ILE B 279 0.62 31.59 18.59
CA ILE B 279 -0.47 32.48 18.29
C ILE B 279 -0.70 32.56 16.79
N VAL B 280 -1.95 32.32 16.38
CA VAL B 280 -2.35 32.34 14.99
C VAL B 280 -3.33 33.48 14.72
N ALA B 281 -2.92 34.45 13.95
CA ALA B 281 -3.81 35.55 13.62
C ALA B 281 -4.58 35.12 12.37
N ASN B 282 -5.84 34.75 12.54
CA ASN B 282 -6.68 34.29 11.44
C ASN B 282 -7.50 35.41 10.85
N LYS B 283 -8.08 35.14 9.68
CA LYS B 283 -8.91 36.13 9.00
C LYS B 283 -8.14 37.36 8.60
N ASP B 285 -7.29 38.14 5.95
CA ASP B 285 -7.79 38.55 4.64
C ASP B 285 -8.75 39.73 4.77
N PRO B 287 -10.37 43.40 5.96
CA PRO B 287 -9.89 44.80 5.97
C PRO B 287 -9.15 45.27 7.21
N GLU B 288 -9.72 45.06 8.40
CA GLU B 288 -9.03 45.54 9.60
C GLU B 288 -8.02 44.58 10.24
N ALA B 289 -7.69 43.48 9.57
CA ALA B 289 -6.72 42.54 10.11
C ALA B 289 -5.29 43.12 10.20
N ALA B 290 -4.72 43.56 9.07
CA ALA B 290 -3.37 44.14 9.05
C ALA B 290 -3.19 45.19 10.17
N GLU B 291 -4.06 46.19 10.19
CA GLU B 291 -4.03 47.24 11.20
C GLU B 291 -4.20 46.60 12.58
N ASN B 292 -5.15 45.68 12.72
CA ASN B 292 -5.34 45.03 14.02
C ASN B 292 -4.09 44.33 14.53
N LEU B 293 -3.55 43.39 13.74
CA LEU B 293 -2.35 42.66 14.10
C LEU B 293 -1.26 43.58 14.63
N GLU B 294 -1.09 44.73 13.97
CA GLU B 294 -0.10 45.73 14.35
C GLU B 294 -0.34 46.13 15.80
N ALA B 295 -1.60 46.43 16.15
CA ALA B 295 -1.93 46.82 17.52
C ALA B 295 -1.74 45.66 18.50
N PHE B 296 -2.14 44.46 18.08
CA PHE B 296 -2.01 43.29 18.92
C PHE B 296 -0.53 42.97 19.22
N LYS B 297 0.31 43.12 18.21
CA LYS B 297 1.72 42.80 18.37
C LYS B 297 2.44 43.71 19.33
N GLU B 298 1.87 44.88 19.59
CA GLU B 298 2.44 45.86 20.50
C GLU B 298 1.99 45.60 21.95
N LYS B 299 0.75 45.15 22.08
CA LYS B 299 0.19 44.82 23.37
C LYS B 299 0.71 43.46 23.85
N LEU B 300 1.31 42.71 22.93
CA LEU B 300 1.85 41.40 23.26
C LEU B 300 3.16 41.50 24.05
N THR B 301 3.17 40.89 25.23
CA THR B 301 4.33 40.88 26.11
C THR B 301 4.90 39.47 26.24
N ASP B 302 4.05 38.46 26.01
CA ASP B 302 4.48 37.07 26.08
C ASP B 302 5.42 36.77 24.94
N ASP B 303 6.30 35.79 25.14
CA ASP B 303 7.27 35.41 24.10
C ASP B 303 6.79 34.25 23.25
N TYR B 304 5.70 34.46 22.53
CA TYR B 304 5.11 33.46 21.66
C TYR B 304 5.07 33.99 20.22
N PRO B 305 5.25 33.09 19.23
CA PRO B 305 5.24 33.42 17.81
C PRO B 305 3.85 33.80 17.30
N VAL B 306 3.81 34.81 16.44
CA VAL B 306 2.52 35.22 15.90
C VAL B 306 2.53 34.95 14.44
N PHE B 307 1.72 33.97 14.04
CA PHE B 307 1.60 33.61 12.64
C PHE B 307 0.31 34.07 12.04
N PRO B 308 0.38 35.08 11.15
CA PRO B 308 -0.82 35.61 10.48
C PRO B 308 -1.21 34.64 9.35
N ILE B 309 -2.43 34.18 9.35
CA ILE B 309 -2.82 33.25 8.33
C ILE B 309 -4.21 33.57 7.86
N SER B 310 -4.82 32.62 7.18
CA SER B 310 -6.17 32.74 6.66
C SER B 310 -6.59 31.34 6.31
N ALA B 311 -7.41 30.74 7.16
CA ALA B 311 -7.87 29.38 6.94
C ALA B 311 -8.57 29.20 5.59
N VAL B 312 -9.18 30.26 5.07
CA VAL B 312 -9.88 30.18 3.80
C VAL B 312 -8.94 30.12 2.60
N THR B 313 -8.13 31.17 2.41
CA THR B 313 -7.18 31.25 1.30
C THR B 313 -5.97 30.35 1.50
N ARG B 314 -5.95 29.66 2.63
CA ARG B 314 -4.85 28.75 2.97
C ARG B 314 -3.50 29.45 3.09
N GLU B 315 -3.49 30.78 3.19
CA GLU B 315 -2.23 31.49 3.27
C GLU B 315 -1.60 31.56 4.66
N GLY B 316 -0.28 31.31 4.68
CA GLY B 316 0.48 31.34 5.91
C GLY B 316 0.42 30.02 6.68
N LEU B 317 -0.08 28.97 6.07
CA LEU B 317 -0.16 27.73 6.79
C LEU B 317 1.20 27.07 6.76
N ARG B 318 1.92 27.18 5.64
CA ARG B 318 3.23 26.56 5.54
C ARG B 318 4.11 26.90 6.71
N GLU B 319 4.15 28.18 7.08
CA GLU B 319 4.98 28.63 8.20
C GLU B 319 4.46 28.16 9.57
N LEU B 320 3.15 28.17 9.75
CA LEU B 320 2.55 27.74 10.98
C LEU B 320 2.90 26.28 11.23
N LEU B 321 2.50 25.42 10.30
CA LEU B 321 2.76 24.00 10.44
C LEU B 321 4.23 23.77 10.77
N PHE B 322 5.12 24.26 9.93
CA PHE B 322 6.54 24.15 10.17
C PHE B 322 6.79 24.46 11.66
N GLU B 323 6.28 25.57 12.16
CA GLU B 323 6.50 25.93 13.56
C GLU B 323 5.97 24.94 14.56
N VAL B 324 4.71 24.57 14.42
CA VAL B 324 4.09 23.61 15.31
C VAL B 324 4.98 22.38 15.46
N ALA B 325 5.48 21.86 14.34
CA ALA B 325 6.34 20.67 14.36
C ALA B 325 7.69 20.93 15.04
N ASN B 326 8.26 22.11 14.86
CA ASN B 326 9.51 22.40 15.52
C ASN B 326 9.36 22.42 17.03
N GLN B 327 8.36 23.13 17.54
CA GLN B 327 8.19 23.22 19.00
C GLN B 327 7.63 21.97 19.64
N LEU B 328 7.45 20.94 18.82
CA LEU B 328 6.91 19.69 19.30
C LEU B 328 8.05 18.73 19.57
N GLU B 329 9.20 19.00 18.94
CA GLU B 329 10.38 18.16 19.12
C GLU B 329 11.08 18.63 20.37
N ASN B 330 10.76 19.85 20.81
CA ASN B 330 11.36 20.43 22.00
C ASN B 330 10.32 20.76 23.06
N THR B 331 9.52 19.78 23.43
CA THR B 331 8.50 20.02 24.43
C THR B 331 8.10 18.72 25.16
N PRO B 332 8.44 18.62 26.46
CA PRO B 332 8.13 17.45 27.30
C PRO B 332 6.63 17.31 27.57
N GLU B 333 6.20 16.14 28.01
CA GLU B 333 4.80 15.88 28.30
C GLU B 333 4.38 16.65 29.55
N PHE B 334 3.08 16.84 29.70
CA PHE B 334 2.60 17.58 30.86
C PHE B 334 1.60 16.82 31.74
N PRO B 335 2.08 15.75 32.42
CA PRO B 335 1.18 14.98 33.28
C PRO B 335 1.01 15.66 34.64
N LEU B 336 -0.21 15.63 35.19
CA LEU B 336 -0.49 16.24 36.48
C LEU B 336 0.42 15.68 37.59
N TYR B 337 0.46 14.36 37.71
CA TYR B 337 1.30 13.68 38.71
C TYR B 337 0.88 13.93 40.16
#